data_8XVK
#
_entry.id   8XVK
#
_cell.length_a   1.00
_cell.length_b   1.00
_cell.length_c   1.00
_cell.angle_alpha   90.00
_cell.angle_beta   90.00
_cell.angle_gamma   90.00
#
_symmetry.space_group_name_H-M   'P 1'
#
loop_
_entity.id
_entity.type
_entity.pdbx_description
1 polymer 'anti-BRIL Fab Heavy chain'
2 polymer 'anti-Fab Nanobody'
3 polymer 'anti-BRIL Fab Light chain'
4 polymer 'Endoglucanase H,Endothelin-1 receptor,Soluble cytochrome b562'
5 non-polymer Ambrisentan
#
loop_
_entity_poly.entity_id
_entity_poly.type
_entity_poly.pdbx_seq_one_letter_code
_entity_poly.pdbx_strand_id
1 'polypeptide(L)'
;MGWSCIILFLVATATGVHSEISEVQLVESGGGLVQPGGSLRLSCAASGFNVVDFSLHWVRQAPGKGLEWVAYISSSSGST
SYADSVKGRFTISADTSKNTAYLQMNSLRAEDTAVYYCARWGYWPGEPWWKAFDYWGQGTLVTVSSASTKGPSVFPLAPS
SKSTSGGTAALGCLVKDYFPEPVTVSWNSGALTSGVHTFPAVLQSSGLYSLSSVVTVPSSSLGTQTYICNVNHKPSNTKV
DKKVEPKSCDKTHENLYFQGHHHHHH
;
H
2 'polypeptide(L)'
;HHHHHHGENLYFQGSQVQLQESGGGLVQPGGSLRLSCAASGRTISRYAMSWFRQAPGKEREFVAVARRSGDGAFYADSVQ
GRFTVSRDDAKNTVYLQMNSLKPEDTAVYYCAIDSDTFYSGSYDYWGQGTQVTVSS
;
K
3 'polypeptide(L)'
;MGWSCIILFLVATATGVHSSDIQMTQSPSSLSASVGDRVTITCRASQSVSSAVAWYQQKPGKAPKLLIYSASSLYSGVPS
RFSGSRSGTDFTLTISSLQPEDFATYYCQQYLYYSLVTFGQGTKVEIKRTVAAPSVFIFPPSDSQLKSGTASVVCLLNNF
YPREAKVQWKVDNALQSGNSQESVTEQDSKDSTYSLSSTLTLSKADYEKHKVYACEVTHQGLSSPVTKSFNRGEC
;
L
4 'polypeptide(L)'
;MKTIIALSYIFCLVFADYKDDDDAHHHHHHHHHHGRAMASNYNSGLKIGAWVGTQPSESAIKSFQELQGRKLDIVHQFIN
WSTDFSWVRPYADAVYNNGSILMITWEPWEYNTVDIKNGKADAYITRMAQDMKAYGKEIWLRPLHAANGDWYPWAIGYSS
RVNTNETYIAAFRHIVDIFRANGATNVKWVFNVNCDNVGNGTSYLGHYPGDNYVDYTSIDGYNWGTTQSWGSQWQSFDQV
FSRAYQALASINKPIIIAEFASAEIGGNKARWITEAYNSIRTSYNKVIAAVWFHENKETDWRINSSPEALAAYREAIGAE
NLYFQGTTHQPTNLVLPSNGSMHNYCPQQTKITSAFKYINTVISCTIFIVGMVGNATLLRIIYQNKCMRNGPNALIASLA
LGDLIYVVIDLPINVFKLLAGRWPFDHNDFGVFLCKLFPFLQKSSVGITVLNLCALSVDRYRAVASWSRVQGIGIPLVTA
IEIVSIWILSFILAIPEAIGFVMVPFEYRGEQHKTCMLNATSKFMEFYQDVKDWWLFGFYFCMPLVCTAIFYTLMTCEAR
RQLADLEDNWETLNDNLKVIEKADNAAQVKDALTKMRAAALDAQKATPPKLEDKSPDSPEMKDFRHGFDILVGQIDDALK
LANEGKVKEAQAAAEQLKTTRNAYIQKYLERARSTLKQRREVAKTVFCLVVIFALCWFPLHLSRILKKTVYNEMDKNRCE
LLSFLLLMDYIGINLATMNSCINPIALYFVSKKFKNCFQSCLCCCCYQSKSLMTSVPMNGTSI
;
R
#
loop_
_chem_comp.id
_chem_comp.type
_chem_comp.name
_chem_comp.formula
A1D5J non-polymer Ambrisentan 'C22 H22 N2 O4'
#
# COMPACT_ATOMS: atom_id res chain seq x y z
N GLU A 23 17.53 29.88 1.74
CA GLU A 23 17.59 28.42 1.72
C GLU A 23 18.65 27.93 0.75
N VAL A 24 18.88 26.61 0.74
CA VAL A 24 19.87 26.02 -0.14
C VAL A 24 19.43 26.20 -1.58
N GLN A 25 20.34 26.71 -2.42
CA GLN A 25 20.06 26.96 -3.83
C GLN A 25 21.17 26.38 -4.69
N LEU A 26 20.78 25.74 -5.79
CA LEU A 26 21.70 25.22 -6.79
C LEU A 26 21.27 25.72 -8.16
N VAL A 27 22.20 26.29 -8.91
CA VAL A 27 21.88 26.89 -10.20
C VAL A 27 22.82 26.34 -11.26
N GLU A 28 22.23 25.82 -12.35
CA GLU A 28 22.99 25.28 -13.47
C GLU A 28 23.00 26.27 -14.63
N SER A 29 24.13 26.33 -15.32
CA SER A 29 24.28 27.22 -16.47
C SER A 29 25.34 26.64 -17.39
N GLY A 30 25.38 27.18 -18.61
CA GLY A 30 26.39 26.78 -19.58
C GLY A 30 25.97 25.67 -20.53
N GLY A 31 24.85 25.85 -21.20
CA GLY A 31 24.37 24.87 -22.16
C GLY A 31 23.99 25.50 -23.48
N GLY A 32 24.21 24.76 -24.56
CA GLY A 32 23.89 25.26 -25.89
C GLY A 32 24.06 24.17 -26.91
N LEU A 33 23.65 24.49 -28.14
CA LEU A 33 23.75 23.53 -29.24
C LEU A 33 25.19 23.38 -29.69
N VAL A 34 25.63 22.14 -29.86
CA VAL A 34 26.97 21.83 -30.35
C VAL A 34 26.85 20.81 -31.47
N GLN A 35 27.89 20.78 -32.31
CA GLN A 35 27.99 19.79 -33.37
C GLN A 35 28.38 18.44 -32.80
N PRO A 36 28.07 17.34 -33.50
CA PRO A 36 28.49 16.02 -33.03
C PRO A 36 30.01 15.96 -32.91
N GLY A 37 30.48 15.30 -31.85
CA GLY A 37 31.90 15.23 -31.57
C GLY A 37 32.48 16.44 -30.88
N GLY A 38 31.66 17.44 -30.57
CA GLY A 38 32.15 18.64 -29.92
C GLY A 38 32.29 18.46 -28.42
N SER A 39 32.61 19.57 -27.76
CA SER A 39 32.82 19.58 -26.32
C SER A 39 32.06 20.74 -25.69
N LEU A 40 31.72 20.59 -24.42
CA LEU A 40 30.98 21.62 -23.69
C LEU A 40 31.34 21.53 -22.22
N ARG A 41 31.08 22.63 -21.50
CA ARG A 41 31.30 22.71 -20.07
C ARG A 41 30.10 23.37 -19.39
N LEU A 42 29.77 22.88 -18.20
CA LEU A 42 28.64 23.37 -17.42
C LEU A 42 29.15 24.12 -16.18
N SER A 43 28.21 24.59 -15.38
CA SER A 43 28.55 25.24 -14.11
C SER A 43 27.33 25.13 -13.19
N CYS A 44 27.46 24.34 -12.12
CA CYS A 44 26.44 24.26 -11.08
C CYS A 44 26.98 25.00 -9.87
N ALA A 45 26.50 26.23 -9.68
CA ALA A 45 26.90 27.03 -8.53
C ALA A 45 26.01 26.73 -7.34
N ALA A 46 26.62 26.73 -6.15
CA ALA A 46 25.91 26.46 -4.90
C ALA A 46 25.92 27.72 -4.04
N SER A 47 24.77 28.08 -3.50
CA SER A 47 24.65 29.24 -2.63
C SER A 47 23.80 28.86 -1.42
N GLY A 48 24.12 29.49 -0.28
CA GLY A 48 23.41 29.22 0.96
C GLY A 48 23.96 28.07 1.78
N PHE A 49 24.96 27.36 1.27
CA PHE A 49 25.56 26.26 2.01
C PHE A 49 26.94 25.99 1.45
N ASN A 50 27.77 25.32 2.26
CA ASN A 50 29.12 24.99 1.86
C ASN A 50 29.14 23.72 1.03
N VAL A 51 29.95 23.71 -0.03
CA VAL A 51 30.04 22.52 -0.88
C VAL A 51 30.73 21.38 -0.14
N VAL A 52 31.61 21.69 0.81
CA VAL A 52 32.42 20.66 1.46
C VAL A 52 31.63 19.98 2.57
N ASP A 53 30.33 20.28 2.66
CA ASP A 53 29.45 19.62 3.60
C ASP A 53 28.37 18.77 2.94
N PHE A 54 28.22 18.86 1.62
CA PHE A 54 27.24 18.08 0.88
C PHE A 54 27.79 17.76 -0.50
N SER A 55 27.61 16.51 -0.93
CA SER A 55 28.14 16.08 -2.22
C SER A 55 27.25 16.58 -3.36
N LEU A 56 27.73 16.41 -4.59
CA LEU A 56 26.99 16.86 -5.77
C LEU A 56 26.90 15.74 -6.78
N HIS A 57 25.75 15.66 -7.46
CA HIS A 57 25.47 14.63 -8.45
C HIS A 57 24.83 15.27 -9.67
N TRP A 58 24.92 14.58 -10.81
CA TRP A 58 24.30 15.03 -12.04
C TRP A 58 23.38 13.94 -12.57
N VAL A 59 22.13 14.31 -12.86
CA VAL A 59 21.10 13.38 -13.31
C VAL A 59 20.52 13.89 -14.62
N ARG A 60 20.40 13.00 -15.60
CA ARG A 60 20.04 13.36 -16.96
C ARG A 60 18.67 12.81 -17.33
N GLN A 61 17.88 13.59 -18.05
CA GLN A 61 16.55 13.21 -18.49
C GLN A 61 16.43 13.44 -19.98
N ALA A 62 16.28 12.36 -20.74
CA ALA A 62 16.05 12.48 -22.17
C ALA A 62 14.64 13.04 -22.43
N PRO A 63 14.41 13.66 -23.58
CA PRO A 63 13.08 14.22 -23.87
C PRO A 63 12.02 13.12 -23.97
N GLY A 64 11.11 13.13 -23.00
CA GLY A 64 10.04 12.15 -22.98
C GLY A 64 10.42 10.80 -22.42
N LYS A 65 11.60 10.67 -21.82
CA LYS A 65 12.09 9.42 -21.27
C LYS A 65 12.22 9.56 -19.75
N GLY A 66 12.76 8.52 -19.11
CA GLY A 66 12.93 8.51 -17.67
C GLY A 66 14.22 9.17 -17.22
N LEU A 67 14.38 9.23 -15.90
CA LEU A 67 15.56 9.82 -15.29
C LEU A 67 16.64 8.77 -15.11
N GLU A 68 17.90 9.18 -15.33
CA GLU A 68 19.03 8.28 -15.17
C GLU A 68 20.18 9.02 -14.53
N TRP A 69 21.07 8.25 -13.90
CA TRP A 69 22.22 8.77 -13.19
C TRP A 69 23.40 8.95 -14.14
N VAL A 70 24.21 9.98 -13.88
CA VAL A 70 25.32 10.30 -14.78
C VAL A 70 26.65 10.28 -14.04
N ALA A 71 26.82 11.14 -13.03
CA ALA A 71 28.11 11.29 -12.38
C ALA A 71 27.91 11.91 -11.00
N TYR A 72 28.99 11.88 -10.20
CA TYR A 72 28.97 12.28 -8.80
C TYR A 72 30.36 12.73 -8.39
N ILE A 73 30.41 13.80 -7.58
CA ILE A 73 31.65 14.28 -6.99
C ILE A 73 31.40 14.61 -5.52
N SER A 74 32.34 14.20 -4.66
CA SER A 74 32.37 14.62 -3.26
C SER A 74 33.37 15.76 -3.12
N SER A 75 32.92 16.89 -2.57
CA SER A 75 33.79 18.05 -2.46
C SER A 75 34.94 17.82 -1.50
N SER A 76 34.67 17.15 -0.37
CA SER A 76 35.69 17.00 0.66
C SER A 76 36.68 15.90 0.33
N SER A 77 36.18 14.66 0.20
CA SER A 77 37.07 13.53 -0.05
C SER A 77 37.69 13.62 -1.44
N GLY A 78 36.99 14.22 -2.40
CA GLY A 78 37.46 14.32 -3.77
C GLY A 78 37.09 13.15 -4.65
N SER A 79 36.40 12.14 -4.11
CA SER A 79 36.04 10.97 -4.89
C SER A 79 34.98 11.33 -5.93
N THR A 80 35.19 10.84 -7.15
CA THR A 80 34.27 11.04 -8.26
C THR A 80 33.91 9.70 -8.87
N SER A 81 32.66 9.58 -9.30
CA SER A 81 32.16 8.35 -9.91
C SER A 81 31.30 8.69 -11.12
N TYR A 82 31.24 7.75 -12.06
CA TYR A 82 30.51 7.93 -13.30
C TYR A 82 29.74 6.66 -13.64
N ALA A 83 28.67 6.81 -14.41
CA ALA A 83 27.90 5.67 -14.90
C ALA A 83 28.38 5.26 -16.27
N ASP A 84 28.00 4.04 -16.67
CA ASP A 84 28.48 3.48 -17.92
C ASP A 84 28.02 4.25 -19.14
N SER A 85 26.98 5.09 -18.99
CA SER A 85 26.47 5.84 -20.13
C SER A 85 27.41 6.97 -20.53
N VAL A 86 28.18 7.51 -19.59
CA VAL A 86 29.02 8.68 -19.86
C VAL A 86 30.46 8.41 -19.45
N LYS A 87 30.82 7.15 -19.24
CA LYS A 87 32.17 6.82 -18.86
C LYS A 87 33.14 7.07 -20.01
N GLY A 88 34.26 7.73 -19.70
CA GLY A 88 35.30 8.01 -20.68
C GLY A 88 35.11 9.27 -21.49
N ARG A 89 33.98 9.96 -21.36
CA ARG A 89 33.73 11.19 -22.10
C ARG A 89 33.20 12.32 -21.23
N PHE A 90 33.00 12.09 -19.94
CA PHE A 90 32.48 13.08 -19.02
C PHE A 90 33.46 13.23 -17.86
N THR A 91 33.82 14.48 -17.55
CA THR A 91 34.72 14.76 -16.43
C THR A 91 34.04 15.74 -15.48
N ILE A 92 33.98 15.38 -14.20
CA ILE A 92 33.28 16.18 -13.20
C ILE A 92 34.29 16.66 -12.17
N SER A 93 34.22 17.94 -11.82
CA SER A 93 35.12 18.53 -10.83
C SER A 93 34.37 19.62 -10.09
N ALA A 94 35.07 20.25 -9.14
CA ALA A 94 34.47 21.34 -8.40
C ALA A 94 35.56 22.22 -7.79
N ASP A 95 35.18 23.44 -7.45
CA ASP A 95 36.02 24.39 -6.73
C ASP A 95 35.27 24.84 -5.49
N THR A 96 35.89 24.63 -4.32
CA THR A 96 35.28 25.02 -3.05
C THR A 96 35.34 26.53 -2.85
N SER A 97 36.45 27.15 -3.21
CA SER A 97 36.57 28.60 -3.07
C SER A 97 35.52 29.31 -3.93
N LYS A 98 35.29 28.83 -5.14
CA LYS A 98 34.24 29.36 -5.99
C LYS A 98 32.86 28.82 -5.62
N ASN A 99 32.80 27.74 -4.83
CA ASN A 99 31.54 27.08 -4.48
C ASN A 99 30.77 26.66 -5.72
N THR A 100 31.48 26.10 -6.70
CA THR A 100 30.87 25.76 -7.99
C THR A 100 31.46 24.47 -8.52
N ALA A 101 30.57 23.59 -8.98
CA ALA A 101 30.98 22.36 -9.65
C ALA A 101 30.88 22.55 -11.17
N TYR A 102 31.66 21.75 -11.88
CA TYR A 102 31.71 21.82 -13.33
C TYR A 102 31.67 20.41 -13.92
N LEU A 103 31.02 20.29 -15.06
CA LEU A 103 30.94 19.03 -15.80
C LEU A 103 31.32 19.31 -17.24
N GLN A 104 32.31 18.58 -17.74
CA GLN A 104 32.83 18.76 -19.09
C GLN A 104 32.51 17.52 -19.92
N MET A 105 31.83 17.72 -21.04
CA MET A 105 31.51 16.65 -21.97
C MET A 105 32.39 16.77 -23.21
N ASN A 106 32.89 15.63 -23.67
CA ASN A 106 33.66 15.55 -24.91
C ASN A 106 33.07 14.45 -25.78
N SER A 107 33.13 14.66 -27.10
CA SER A 107 32.61 13.71 -28.09
C SER A 107 31.12 13.47 -27.88
N LEU A 108 30.34 14.54 -27.92
CA LEU A 108 28.89 14.44 -27.75
C LEU A 108 28.25 13.79 -28.97
N ARG A 109 27.15 13.09 -28.74
CA ARG A 109 26.42 12.39 -29.80
C ARG A 109 25.00 12.92 -29.90
N ALA A 110 24.33 12.55 -30.99
CA ALA A 110 22.98 13.05 -31.24
C ALA A 110 22.00 12.55 -30.19
N GLU A 111 22.11 11.28 -29.80
CA GLU A 111 21.22 10.71 -28.78
C GLU A 111 21.44 11.35 -27.42
N ASP A 112 22.63 11.92 -27.18
CA ASP A 112 22.96 12.46 -25.87
C ASP A 112 22.11 13.65 -25.47
N THR A 113 21.38 14.24 -26.42
CA THR A 113 20.60 15.44 -26.12
C THR A 113 19.60 15.17 -25.00
N ALA A 114 19.56 16.07 -24.02
CA ALA A 114 18.73 15.89 -22.85
C ALA A 114 18.77 17.10 -21.91
N VAL A 115 18.04 17.02 -20.81
CA VAL A 115 18.04 18.06 -19.78
C VAL A 115 18.80 17.51 -18.57
N TYR A 116 19.81 18.24 -18.13
CA TYR A 116 20.68 17.82 -17.04
C TYR A 116 20.36 18.63 -15.79
N TYR A 117 20.36 17.96 -14.64
CA TYR A 117 20.14 18.59 -13.34
C TYR A 117 21.29 18.26 -12.41
N CYS A 118 21.53 19.17 -11.47
CA CYS A 118 22.63 19.05 -10.50
C CYS A 118 22.01 19.02 -9.10
N ALA A 119 22.05 17.86 -8.46
CA ALA A 119 21.43 17.65 -7.16
C ALA A 119 22.48 17.50 -6.08
N ARG A 120 22.03 17.51 -4.82
CA ARG A 120 22.91 17.46 -3.66
C ARG A 120 22.50 16.34 -2.72
N TRP A 121 23.47 15.83 -1.97
CA TRP A 121 23.25 14.71 -1.05
C TRP A 121 24.19 14.86 0.13
N GLY A 122 23.66 14.61 1.33
CA GLY A 122 24.43 14.78 2.55
C GLY A 122 25.37 13.63 2.83
N TYR A 123 26.10 13.76 3.93
CA TYR A 123 27.10 12.78 4.34
C TYR A 123 26.52 11.81 5.36
N TRP A 124 27.21 10.68 5.53
CA TRP A 124 26.58 9.49 6.12
C TRP A 124 26.16 9.68 7.57
N PRO A 125 27.07 9.96 8.53
CA PRO A 125 26.68 9.84 9.94
C PRO A 125 25.63 10.86 10.34
N GLY A 126 24.40 10.41 10.56
CA GLY A 126 23.31 11.26 10.97
C GLY A 126 22.17 11.24 9.98
N GLU A 127 21.17 12.07 10.28
CA GLU A 127 19.97 12.15 9.44
C GLU A 127 20.22 12.65 8.02
N PRO A 128 21.04 13.69 7.77
CA PRO A 128 21.14 14.23 6.40
C PRO A 128 21.41 13.21 5.30
N TRP A 129 21.97 12.04 5.62
CA TRP A 129 22.11 11.01 4.61
C TRP A 129 20.77 10.39 4.26
N TRP A 130 19.85 10.33 5.21
CA TRP A 130 18.57 9.66 5.00
C TRP A 130 17.59 10.49 4.18
N LYS A 131 17.88 11.76 3.92
CA LYS A 131 16.97 12.62 3.20
C LYS A 131 17.17 12.60 1.69
N ALA A 132 18.19 11.90 1.21
CA ALA A 132 18.44 11.73 -0.22
C ALA A 132 18.51 13.11 -0.88
N PHE A 133 18.09 13.21 -2.13
CA PHE A 133 18.06 14.48 -2.85
C PHE A 133 16.95 15.35 -2.29
N ASP A 134 17.32 16.46 -1.65
CA ASP A 134 16.35 17.38 -1.06
C ASP A 134 16.19 18.67 -1.85
N TYR A 135 17.25 19.18 -2.46
CA TYR A 135 17.19 20.37 -3.28
C TYR A 135 17.80 20.06 -4.63
N TRP A 136 17.10 20.44 -5.69
CA TRP A 136 17.56 20.25 -7.06
C TRP A 136 17.96 21.60 -7.64
N GLY A 137 18.50 21.55 -8.85
CA GLY A 137 18.80 22.77 -9.57
C GLY A 137 17.60 23.27 -10.35
N GLN A 138 17.79 23.58 -11.63
CA GLN A 138 16.70 23.99 -12.49
C GLN A 138 16.66 23.30 -13.84
N GLY A 139 17.77 22.75 -14.31
CA GLY A 139 17.79 22.04 -15.58
C GLY A 139 18.44 22.83 -16.70
N THR A 140 19.35 22.19 -17.41
CA THR A 140 20.02 22.77 -18.56
C THR A 140 19.81 21.87 -19.77
N LEU A 141 19.37 22.46 -20.88
CA LEU A 141 19.02 21.69 -22.07
C LEU A 141 20.22 21.65 -23.01
N VAL A 142 20.63 20.45 -23.40
CA VAL A 142 21.73 20.23 -24.33
C VAL A 142 21.18 19.50 -25.54
N THR A 143 21.46 20.02 -26.73
CA THR A 143 21.03 19.44 -27.98
C THR A 143 22.22 19.30 -28.92
N VAL A 144 22.28 18.19 -29.64
CA VAL A 144 23.33 17.92 -30.61
C VAL A 144 22.69 17.73 -31.98
N SER A 145 23.16 18.50 -32.96
CA SER A 145 22.61 18.44 -34.31
C SER A 145 23.67 18.95 -35.28
N SER A 146 23.42 18.68 -36.57
CA SER A 146 24.34 19.10 -37.64
C SER A 146 23.73 20.07 -38.63
N ALA A 147 22.41 20.18 -38.71
CA ALA A 147 21.78 21.04 -39.69
C ALA A 147 21.99 22.51 -39.34
N SER A 148 21.86 23.36 -40.36
CA SER A 148 21.99 24.80 -40.20
C SER A 148 20.61 25.44 -40.15
N THR A 149 20.53 26.60 -39.49
CA THR A 149 19.26 27.30 -39.35
C THR A 149 18.74 27.72 -40.72
N LYS A 150 17.44 27.52 -40.94
CA LYS A 150 16.81 27.89 -42.19
C LYS A 150 15.37 28.29 -41.92
N GLY A 151 14.83 29.15 -42.79
CA GLY A 151 13.48 29.63 -42.64
C GLY A 151 12.45 28.54 -42.83
N PRO A 152 11.37 28.60 -42.06
CA PRO A 152 10.32 27.58 -42.18
C PRO A 152 9.55 27.72 -43.50
N SER A 153 9.01 26.60 -43.94
CA SER A 153 8.18 26.51 -45.15
C SER A 153 6.76 26.17 -44.72
N VAL A 154 5.80 26.97 -45.19
CA VAL A 154 4.41 26.80 -44.79
C VAL A 154 3.61 26.21 -45.95
N PHE A 155 2.56 25.48 -45.61
CA PHE A 155 1.71 24.81 -46.59
C PHE A 155 0.25 24.87 -46.14
N PRO A 156 -0.66 25.32 -47.00
CA PRO A 156 -2.09 25.28 -46.66
C PRO A 156 -2.57 23.85 -46.48
N LEU A 157 -3.52 23.67 -45.57
CA LEU A 157 -4.02 22.34 -45.23
C LEU A 157 -5.53 22.40 -45.04
N ALA A 158 -6.24 23.00 -45.99
CA ALA A 158 -7.67 23.18 -45.88
C ALA A 158 -8.42 21.88 -46.12
N PRO A 159 -9.57 21.70 -45.47
CA PRO A 159 -10.39 20.53 -45.74
C PRO A 159 -11.08 20.62 -47.09
N SER A 160 -11.42 19.44 -47.62
CA SER A 160 -12.12 19.37 -48.89
C SER A 160 -13.56 19.87 -48.74
N SER A 161 -14.13 20.31 -49.86
CA SER A 161 -15.50 20.81 -49.84
C SER A 161 -16.49 19.71 -49.42
N LYS A 162 -16.28 18.50 -49.93
CA LYS A 162 -17.17 17.40 -49.56
C LYS A 162 -17.04 17.05 -48.08
N SER A 163 -15.82 17.09 -47.55
CA SER A 163 -15.59 16.71 -46.16
C SER A 163 -16.09 17.82 -45.23
N THR A 164 -16.97 17.46 -44.31
CA THR A 164 -17.53 18.37 -43.31
C THR A 164 -18.14 19.61 -43.98
N SER A 165 -19.08 19.36 -44.89
CA SER A 165 -19.77 20.42 -45.59
C SER A 165 -20.83 21.02 -44.68
N GLY A 166 -20.58 22.23 -44.17
CA GLY A 166 -21.47 22.91 -43.27
C GLY A 166 -21.13 22.73 -41.80
N GLY A 167 -20.50 21.61 -41.45
CA GLY A 167 -20.09 21.36 -40.09
C GLY A 167 -18.71 21.95 -39.80
N THR A 168 -18.12 21.46 -38.71
CA THR A 168 -16.78 21.91 -38.32
C THR A 168 -15.74 21.45 -39.33
N ALA A 169 -14.99 22.40 -39.89
CA ALA A 169 -14.02 22.13 -40.95
C ALA A 169 -12.61 22.28 -40.38
N ALA A 170 -11.79 21.25 -40.58
CA ALA A 170 -10.45 21.22 -39.99
C ALA A 170 -9.46 21.89 -40.94
N LEU A 171 -9.35 23.21 -40.79
CA LEU A 171 -8.30 23.97 -41.46
C LEU A 171 -6.96 23.69 -40.80
N GLY A 172 -5.88 23.65 -41.60
CA GLY A 172 -4.56 23.41 -41.07
C GLY A 172 -3.50 24.24 -41.76
N CYS A 173 -2.36 24.36 -41.07
CA CYS A 173 -1.21 25.09 -41.59
C CYS A 173 0.03 24.26 -41.30
N LEU A 174 0.50 23.51 -42.30
CA LEU A 174 1.62 22.60 -42.11
C LEU A 174 2.94 23.38 -42.21
N VAL A 175 3.86 23.11 -41.29
CA VAL A 175 5.14 23.79 -41.23
C VAL A 175 6.25 22.74 -41.33
N LYS A 176 7.29 23.06 -42.10
CA LYS A 176 8.37 22.11 -42.32
C LYS A 176 9.68 22.85 -42.56
N ASP A 177 10.79 22.12 -42.42
CA ASP A 177 12.12 22.62 -42.79
C ASP A 177 12.49 23.88 -42.00
N TYR A 178 12.64 23.70 -40.69
CA TYR A 178 12.81 24.82 -39.77
C TYR A 178 13.61 24.39 -38.54
N PHE A 179 14.34 25.35 -37.93
CA PHE A 179 15.23 25.02 -36.82
C PHE A 179 15.32 26.09 -35.73
N PRO A 180 14.21 26.61 -35.17
CA PRO A 180 14.31 27.29 -33.87
C PRO A 180 13.90 26.38 -32.72
N GLU A 181 14.32 26.73 -31.50
CA GLU A 181 13.78 26.05 -30.32
C GLU A 181 12.43 26.63 -29.89
N PRO A 182 12.32 27.95 -29.64
CA PRO A 182 11.03 28.48 -29.13
C PRO A 182 10.06 28.85 -30.26
N VAL A 183 9.41 27.84 -30.81
CA VAL A 183 8.57 28.03 -31.99
C VAL A 183 7.24 28.65 -31.60
N THR A 184 6.82 29.67 -32.34
CA THR A 184 5.51 30.29 -32.17
C THR A 184 4.74 30.20 -33.48
N VAL A 185 3.60 29.52 -33.43
CA VAL A 185 2.68 29.39 -34.57
C VAL A 185 1.33 29.92 -34.13
N SER A 186 0.79 30.87 -34.88
CA SER A 186 -0.46 31.53 -34.54
C SER A 186 -1.45 31.41 -35.69
N TRP A 187 -2.68 31.02 -35.37
CA TRP A 187 -3.73 30.91 -36.37
C TRP A 187 -4.35 32.27 -36.64
N ASN A 188 -4.58 32.55 -37.92
CA ASN A 188 -5.13 33.84 -38.35
C ASN A 188 -4.26 35.00 -37.86
N SER A 189 -2.95 34.79 -37.87
CA SER A 189 -1.98 35.76 -37.35
C SER A 189 -2.28 36.12 -35.90
N GLY A 190 -2.70 35.12 -35.12
CA GLY A 190 -3.03 35.31 -33.73
C GLY A 190 -4.46 35.71 -33.45
N ALA A 191 -5.26 35.99 -34.48
CA ALA A 191 -6.64 36.38 -34.26
C ALA A 191 -7.50 35.18 -33.86
N LEU A 192 -7.22 34.00 -34.42
CA LEU A 192 -8.00 32.81 -34.17
C LEU A 192 -7.40 32.08 -32.96
N THR A 193 -8.18 32.01 -31.88
CA THR A 193 -7.69 31.42 -30.63
C THR A 193 -8.67 30.41 -30.07
N SER A 194 -9.96 30.55 -30.41
CA SER A 194 -10.99 29.71 -29.83
C SER A 194 -10.94 28.31 -30.44
N GLY A 195 -10.73 27.31 -29.60
CA GLY A 195 -10.75 25.92 -30.03
C GLY A 195 -9.69 25.55 -31.05
N VAL A 196 -8.46 25.99 -30.83
CA VAL A 196 -7.35 25.65 -31.72
C VAL A 196 -6.57 24.50 -31.13
N HIS A 197 -5.86 23.76 -31.99
CA HIS A 197 -5.09 22.59 -31.59
C HIS A 197 -3.75 22.68 -32.29
N THR A 198 -2.70 23.01 -31.54
CA THR A 198 -1.35 23.10 -32.08
C THR A 198 -0.53 21.90 -31.60
N PHE A 199 0.30 21.35 -32.49
CA PHE A 199 0.93 20.10 -32.13
C PHE A 199 2.40 20.31 -31.75
N PRO A 200 2.94 19.44 -30.90
CA PRO A 200 4.39 19.44 -30.67
C PRO A 200 5.12 19.08 -31.96
N ALA A 201 6.32 19.63 -32.11
CA ALA A 201 7.12 19.35 -33.29
C ALA A 201 7.54 17.88 -33.31
N VAL A 202 7.52 17.29 -34.50
CA VAL A 202 7.90 15.90 -34.68
C VAL A 202 9.32 15.87 -35.23
N LEU A 203 9.97 14.71 -35.11
CA LEU A 203 11.38 14.60 -35.47
C LEU A 203 11.61 14.84 -36.95
N GLN A 204 10.69 14.40 -37.80
CA GLN A 204 10.82 14.51 -39.27
C GLN A 204 12.05 13.71 -39.68
N SER A 205 12.86 14.20 -40.61
CA SER A 205 14.05 13.50 -41.06
C SER A 205 15.04 14.51 -41.63
N SER A 206 16.30 14.09 -41.70
CA SER A 206 17.38 14.95 -42.19
C SER A 206 17.43 16.26 -41.41
N GLY A 207 17.30 16.15 -40.09
CA GLY A 207 17.28 17.33 -39.25
C GLY A 207 15.93 18.02 -39.25
N LEU A 208 15.91 19.22 -38.65
CA LEU A 208 14.72 20.06 -38.58
C LEU A 208 13.58 19.35 -37.86
N TYR A 209 12.36 19.88 -37.97
CA TYR A 209 11.21 19.27 -37.32
C TYR A 209 9.98 19.51 -38.20
N SER A 210 8.81 19.20 -37.67
CA SER A 210 7.54 19.43 -38.36
C SER A 210 6.41 19.49 -37.34
N LEU A 211 5.48 20.41 -37.56
CA LEU A 211 4.33 20.56 -36.69
C LEU A 211 3.21 21.23 -37.47
N SER A 212 2.00 21.15 -36.92
CA SER A 212 0.83 21.71 -37.57
C SER A 212 -0.19 22.14 -36.52
N SER A 213 -1.09 23.03 -36.94
CA SER A 213 -2.15 23.54 -36.10
C SER A 213 -3.46 23.48 -36.87
N VAL A 214 -4.55 23.22 -36.15
CA VAL A 214 -5.85 23.01 -36.75
C VAL A 214 -6.90 23.76 -35.93
N VAL A 215 -7.84 24.40 -36.63
CA VAL A 215 -8.92 25.16 -35.99
C VAL A 215 -10.25 24.57 -36.42
N THR A 216 -11.15 24.38 -35.44
CA THR A 216 -12.46 23.79 -35.73
C THR A 216 -13.31 24.72 -36.59
N VAL A 217 -13.61 25.91 -36.09
CA VAL A 217 -14.33 26.98 -36.78
C VAL A 217 -15.48 26.41 -37.61
N PRO A 218 -16.58 26.01 -36.96
CA PRO A 218 -17.67 25.34 -37.71
C PRO A 218 -18.24 26.17 -38.84
N SER A 219 -18.33 27.48 -38.69
CA SER A 219 -18.85 28.33 -39.75
C SER A 219 -17.87 28.39 -40.92
N SER A 220 -18.40 28.30 -42.14
CA SER A 220 -17.60 28.37 -43.36
C SER A 220 -17.73 29.73 -44.04
N SER A 221 -17.90 30.80 -43.27
CA SER A 221 -18.09 32.12 -43.85
C SER A 221 -16.83 32.63 -44.53
N LEU A 222 -17.02 33.33 -45.65
CA LEU A 222 -15.89 33.93 -46.35
C LEU A 222 -15.21 35.02 -45.53
N GLY A 223 -15.91 35.58 -44.53
CA GLY A 223 -15.28 36.56 -43.66
C GLY A 223 -14.16 35.94 -42.84
N THR A 224 -14.38 34.74 -42.31
CA THR A 224 -13.36 34.03 -41.56
C THR A 224 -12.55 33.08 -42.44
N GLN A 225 -12.86 32.98 -43.73
CA GLN A 225 -12.09 32.13 -44.64
C GLN A 225 -10.68 32.63 -44.90
N THR A 226 -10.25 33.73 -44.27
CA THR A 226 -8.91 34.25 -44.51
C THR A 226 -7.84 33.25 -44.06
N TYR A 227 -7.81 32.94 -42.76
CA TYR A 227 -6.88 31.96 -42.18
C TYR A 227 -5.43 32.25 -42.55
N ILE A 228 -4.96 33.42 -42.10
CA ILE A 228 -3.58 33.84 -42.37
C ILE A 228 -2.73 33.30 -41.22
N CYS A 229 -2.27 32.05 -41.39
CA CYS A 229 -1.54 31.36 -40.33
C CYS A 229 -0.08 31.78 -40.38
N ASN A 230 0.44 32.30 -39.26
CA ASN A 230 1.78 32.87 -39.22
C ASN A 230 2.67 32.10 -38.26
N VAL A 231 3.84 31.68 -38.75
CA VAL A 231 4.82 30.98 -37.94
C VAL A 231 6.07 31.85 -37.86
N ASN A 232 6.80 31.72 -36.76
CA ASN A 232 7.97 32.54 -36.51
C ASN A 232 9.21 31.67 -36.27
N HIS A 233 10.36 32.18 -36.75
CA HIS A 233 11.68 31.59 -36.52
C HIS A 233 12.54 32.74 -36.02
N LYS A 234 12.67 32.86 -34.70
CA LYS A 234 13.42 33.97 -34.12
C LYS A 234 14.90 33.93 -34.44
N PRO A 235 15.63 32.81 -34.29
CA PRO A 235 17.06 32.83 -34.64
C PRO A 235 17.32 33.19 -36.09
N SER A 236 16.45 32.79 -37.01
CA SER A 236 16.61 33.12 -38.42
C SER A 236 15.86 34.39 -38.82
N ASN A 237 15.15 35.02 -37.89
CA ASN A 237 14.39 36.25 -38.16
C ASN A 237 13.45 36.08 -39.35
N THR A 238 12.75 34.96 -39.38
CA THR A 238 11.89 34.60 -40.52
C THR A 238 10.46 34.43 -40.02
N LYS A 239 9.58 35.33 -40.43
CA LYS A 239 8.15 35.24 -40.11
C LYS A 239 7.42 34.88 -41.40
N VAL A 240 6.90 33.66 -41.46
CA VAL A 240 6.28 33.14 -42.68
C VAL A 240 4.78 33.01 -42.47
N ASP A 241 4.01 33.61 -43.37
CA ASP A 241 2.55 33.56 -43.31
C ASP A 241 2.02 32.76 -44.49
N LYS A 242 1.00 31.96 -44.24
CA LYS A 242 0.34 31.14 -45.24
C LYS A 242 -1.13 31.50 -45.33
N LYS A 243 -1.62 31.64 -46.56
CA LYS A 243 -3.00 32.00 -46.86
C LYS A 243 -3.65 30.76 -47.49
N VAL A 244 -4.35 29.98 -46.67
CA VAL A 244 -4.96 28.76 -47.17
C VAL A 244 -6.13 29.08 -48.09
N GLU A 245 -6.46 28.12 -48.96
CA GLU A 245 -7.56 28.25 -49.90
C GLU A 245 -8.68 27.31 -49.52
N PRO A 246 -9.91 27.80 -49.41
CA PRO A 246 -11.00 26.94 -48.93
C PRO A 246 -11.41 25.88 -49.94
N LYS A 247 -10.67 24.77 -49.96
CA LYS A 247 -10.96 23.66 -50.86
C LYS A 247 -12.37 23.11 -50.65
N GLN B 16 -14.26 -17.05 -32.49
CA GLN B 16 -14.50 -18.37 -31.91
C GLN B 16 -14.83 -18.27 -30.43
N VAL B 17 -14.77 -17.05 -29.90
CA VAL B 17 -15.03 -16.80 -28.49
C VAL B 17 -16.54 -16.65 -28.32
N GLN B 18 -17.21 -17.73 -27.89
CA GLN B 18 -18.63 -17.64 -27.60
C GLN B 18 -18.85 -16.81 -26.35
N LEU B 19 -19.86 -15.96 -26.37
CA LEU B 19 -20.14 -15.03 -25.28
C LEU B 19 -21.64 -14.92 -25.03
N GLN B 20 -22.32 -16.06 -25.03
CA GLN B 20 -23.78 -16.08 -24.89
C GLN B 20 -24.19 -15.38 -23.60
N GLU B 21 -24.85 -14.23 -23.77
CA GLU B 21 -25.18 -13.37 -22.63
C GLU B 21 -26.61 -13.63 -22.17
N SER B 22 -26.69 -14.10 -20.94
CA SER B 22 -27.98 -14.37 -20.30
C SER B 22 -28.28 -13.33 -19.24
N GLY B 23 -29.57 -13.15 -18.96
CA GLY B 23 -30.02 -12.27 -17.91
C GLY B 23 -30.93 -11.20 -18.45
N GLY B 24 -31.69 -10.59 -17.54
CA GLY B 24 -32.58 -9.51 -17.94
C GLY B 24 -33.64 -9.96 -18.92
N GLY B 25 -34.01 -9.06 -19.82
CA GLY B 25 -35.00 -9.36 -20.83
C GLY B 25 -36.21 -8.46 -20.78
N LEU B 26 -36.66 -8.12 -19.57
CA LEU B 26 -37.83 -7.27 -19.39
C LEU B 26 -37.89 -6.83 -17.94
N VAL B 27 -38.27 -5.57 -17.73
CA VAL B 27 -38.39 -4.99 -16.38
C VAL B 27 -39.39 -3.85 -16.44
N GLN B 28 -39.92 -3.48 -15.28
CA GLN B 28 -40.79 -2.34 -15.12
C GLN B 28 -39.98 -1.06 -14.90
N PRO B 29 -40.57 0.11 -15.13
CA PRO B 29 -39.83 1.36 -14.90
C PRO B 29 -39.33 1.46 -13.47
N GLY B 30 -38.11 1.98 -13.34
CA GLY B 30 -37.47 2.08 -12.04
C GLY B 30 -36.91 0.80 -11.50
N GLY B 31 -36.90 -0.28 -12.28
CA GLY B 31 -36.42 -1.56 -11.84
C GLY B 31 -34.92 -1.69 -11.96
N SER B 32 -34.43 -2.90 -11.72
CA SER B 32 -33.01 -3.20 -11.81
C SER B 32 -32.84 -4.57 -12.46
N LEU B 33 -31.77 -4.72 -13.22
CA LEU B 33 -31.49 -5.98 -13.89
C LEU B 33 -30.02 -6.35 -13.70
N ARG B 34 -29.63 -7.50 -14.24
CA ARG B 34 -28.24 -7.95 -14.17
C ARG B 34 -27.99 -8.87 -15.36
N LEU B 35 -27.30 -8.36 -16.37
CA LEU B 35 -26.94 -9.16 -17.52
C LEU B 35 -25.62 -9.89 -17.25
N SER B 36 -25.25 -10.78 -18.17
CA SER B 36 -24.00 -11.52 -18.00
C SER B 36 -23.55 -12.10 -19.32
N CYS B 37 -22.26 -11.95 -19.64
CA CYS B 37 -21.65 -12.66 -20.76
C CYS B 37 -20.37 -13.33 -20.25
N ALA B 38 -20.14 -14.56 -20.72
CA ALA B 38 -19.03 -15.38 -20.26
C ALA B 38 -18.33 -16.02 -21.45
N ALA B 39 -17.04 -16.30 -21.28
CA ALA B 39 -16.22 -16.86 -22.33
C ALA B 39 -15.49 -18.09 -21.84
N SER B 40 -15.37 -19.09 -22.71
CA SER B 40 -14.66 -20.32 -22.43
C SER B 40 -13.64 -20.59 -23.52
N GLY B 41 -12.46 -21.05 -23.12
CA GLY B 41 -11.37 -21.26 -24.05
C GLY B 41 -10.60 -20.02 -24.39
N ARG B 42 -11.07 -18.85 -23.98
CA ARG B 42 -10.43 -17.57 -24.26
C ARG B 42 -10.60 -16.72 -23.00
N THR B 43 -9.60 -16.77 -22.13
CA THR B 43 -9.71 -16.10 -20.84
C THR B 43 -9.77 -14.60 -21.00
N ILE B 44 -10.63 -13.97 -20.20
CA ILE B 44 -10.71 -12.51 -20.17
C ILE B 44 -9.60 -11.90 -19.31
N SER B 45 -8.79 -12.74 -18.66
CA SER B 45 -7.77 -12.24 -17.74
C SER B 45 -6.75 -11.36 -18.45
N ARG B 46 -6.60 -11.51 -19.76
CA ARG B 46 -5.63 -10.72 -20.53
C ARG B 46 -6.29 -9.87 -21.60
N TYR B 47 -7.60 -9.65 -21.52
CA TYR B 47 -8.32 -8.91 -22.55
C TYR B 47 -9.38 -8.03 -21.89
N ALA B 48 -9.92 -7.11 -22.67
CA ALA B 48 -10.88 -6.13 -22.20
C ALA B 48 -12.28 -6.46 -22.70
N MET B 49 -13.26 -6.32 -21.83
CA MET B 49 -14.65 -6.59 -22.14
C MET B 49 -15.35 -5.30 -22.50
N SER B 50 -16.18 -5.33 -23.55
CA SER B 50 -16.93 -4.18 -23.99
C SER B 50 -18.39 -4.55 -24.18
N TRP B 51 -19.26 -3.55 -24.03
CA TRP B 51 -20.69 -3.74 -24.13
C TRP B 51 -21.24 -2.71 -25.10
N PHE B 52 -21.88 -3.17 -26.17
CA PHE B 52 -22.40 -2.29 -27.20
C PHE B 52 -23.89 -2.53 -27.37
N ARG B 53 -24.68 -1.49 -27.19
CA ARG B 53 -26.12 -1.58 -27.33
C ARG B 53 -26.53 -1.28 -28.77
N GLN B 54 -27.19 -2.25 -29.41
CA GLN B 54 -27.77 -2.06 -30.73
C GLN B 54 -29.18 -1.53 -30.55
N ALA B 55 -29.36 -0.26 -30.91
CA ALA B 55 -30.66 0.40 -30.93
C ALA B 55 -31.37 0.10 -32.25
N PRO B 56 -32.71 0.22 -32.28
CA PRO B 56 -33.42 -0.02 -33.55
C PRO B 56 -33.04 0.98 -34.62
N GLY B 57 -32.40 0.50 -35.69
CA GLY B 57 -32.02 1.32 -36.81
C GLY B 57 -30.67 1.99 -36.72
N LYS B 58 -29.93 1.80 -35.63
CA LYS B 58 -28.63 2.42 -35.44
C LYS B 58 -27.58 1.36 -35.14
N GLU B 59 -26.37 1.58 -35.63
CA GLU B 59 -25.27 0.67 -35.37
C GLU B 59 -24.92 0.66 -33.87
N ARG B 60 -24.42 -0.48 -33.41
CA ARG B 60 -24.07 -0.70 -32.01
C ARG B 60 -23.30 0.47 -31.43
N GLU B 61 -23.84 1.05 -30.37
CA GLU B 61 -23.22 2.18 -29.67
C GLU B 61 -22.57 1.71 -28.39
N PHE B 62 -21.38 2.23 -28.12
CA PHE B 62 -20.66 1.88 -26.90
C PHE B 62 -21.48 2.25 -25.67
N VAL B 63 -21.44 1.39 -24.64
CA VAL B 63 -22.16 1.67 -23.41
C VAL B 63 -21.19 1.61 -22.23
N ALA B 64 -20.47 0.51 -22.09
CA ALA B 64 -19.56 0.34 -20.97
C ALA B 64 -18.37 -0.50 -21.42
N VAL B 65 -17.27 -0.37 -20.67
CA VAL B 65 -16.05 -1.13 -20.93
C VAL B 65 -15.39 -1.45 -19.61
N ALA B 66 -14.71 -2.59 -19.57
CA ALA B 66 -13.95 -3.02 -18.41
C ALA B 66 -12.56 -3.45 -18.84
N ARG B 67 -11.54 -2.82 -18.28
CA ARG B 67 -10.16 -3.14 -18.62
C ARG B 67 -9.74 -4.38 -17.83
N ARG B 68 -8.44 -4.66 -17.81
CA ARG B 68 -7.94 -5.79 -17.05
C ARG B 68 -8.07 -5.51 -15.55
N SER B 69 -7.62 -6.46 -14.74
CA SER B 69 -7.77 -6.35 -13.29
C SER B 69 -6.98 -5.16 -12.77
N GLY B 70 -7.67 -4.26 -12.06
CA GLY B 70 -7.05 -3.11 -11.44
C GLY B 70 -6.82 -1.92 -12.34
N ASP B 71 -7.19 -2.01 -13.62
CA ASP B 71 -6.97 -0.92 -14.57
C ASP B 71 -8.17 0.01 -14.69
N GLY B 72 -9.23 -0.21 -13.92
CA GLY B 72 -10.40 0.64 -13.97
C GLY B 72 -11.46 0.15 -14.92
N ALA B 73 -12.53 0.93 -15.01
CA ALA B 73 -13.66 0.59 -15.87
C ALA B 73 -14.32 1.88 -16.32
N PHE B 74 -14.10 2.26 -17.57
CA PHE B 74 -14.69 3.47 -18.12
C PHE B 74 -16.15 3.23 -18.47
N TYR B 75 -16.87 4.33 -18.73
CA TYR B 75 -18.28 4.24 -19.08
C TYR B 75 -18.60 5.24 -20.17
N ALA B 76 -19.85 5.25 -20.60
CA ALA B 76 -20.37 6.23 -21.54
C ALA B 76 -21.41 7.10 -20.85
N ASP B 77 -21.67 8.26 -21.45
CA ASP B 77 -22.58 9.23 -20.84
C ASP B 77 -24.01 8.71 -20.78
N SER B 78 -24.34 7.64 -21.50
CA SER B 78 -25.69 7.10 -21.46
C SER B 78 -25.96 6.31 -20.18
N VAL B 79 -24.91 5.75 -19.58
CA VAL B 79 -25.09 4.87 -18.43
C VAL B 79 -24.22 5.33 -17.25
N GLN B 80 -23.95 6.63 -17.16
CA GLN B 80 -23.09 7.14 -16.11
C GLN B 80 -23.71 6.99 -14.74
N GLY B 81 -23.17 6.09 -13.93
CA GLY B 81 -23.68 5.82 -12.59
C GLY B 81 -24.89 4.90 -12.60
N ARG B 82 -25.64 4.91 -13.70
CA ARG B 82 -26.83 4.08 -13.81
C ARG B 82 -26.48 2.61 -13.97
N PHE B 83 -25.30 2.31 -14.48
CA PHE B 83 -24.82 0.96 -14.74
C PHE B 83 -23.60 0.68 -13.86
N THR B 84 -23.10 -0.55 -13.97
CA THR B 84 -21.89 -0.97 -13.29
C THR B 84 -21.45 -2.29 -13.89
N VAL B 85 -20.18 -2.39 -14.28
CA VAL B 85 -19.65 -3.57 -14.95
C VAL B 85 -18.50 -4.12 -14.11
N SER B 86 -18.62 -5.39 -13.73
CA SER B 86 -17.57 -6.08 -13.00
C SER B 86 -17.42 -7.48 -13.57
N ARG B 87 -16.20 -8.01 -13.50
CA ARG B 87 -15.88 -9.28 -14.13
C ARG B 87 -15.08 -10.15 -13.17
N ASP B 88 -15.23 -11.45 -13.34
CA ASP B 88 -14.46 -12.46 -12.62
C ASP B 88 -13.61 -13.22 -13.62
N ASP B 89 -12.30 -13.28 -13.37
CA ASP B 89 -11.38 -13.90 -14.31
C ASP B 89 -11.30 -15.41 -14.11
N ALA B 90 -11.71 -15.91 -12.94
CA ALA B 90 -11.67 -17.34 -12.70
C ALA B 90 -12.58 -18.10 -13.65
N LYS B 91 -13.79 -17.59 -13.87
CA LYS B 91 -14.72 -18.19 -14.82
C LYS B 91 -14.86 -17.39 -16.11
N ASN B 92 -14.12 -16.29 -16.25
CA ASN B 92 -14.19 -15.44 -17.44
C ASN B 92 -15.62 -14.94 -17.68
N THR B 93 -16.20 -14.34 -16.65
CA THR B 93 -17.57 -13.84 -16.70
C THR B 93 -17.57 -12.34 -16.43
N VAL B 94 -18.61 -11.65 -16.91
CA VAL B 94 -18.76 -10.22 -16.67
C VAL B 94 -20.24 -9.87 -16.65
N TYR B 95 -20.60 -8.90 -15.80
CA TYR B 95 -21.98 -8.56 -15.51
C TYR B 95 -22.20 -7.06 -15.69
N LEU B 96 -23.43 -6.68 -16.06
CA LEU B 96 -23.88 -5.30 -15.98
C LEU B 96 -25.06 -5.24 -15.01
N GLN B 97 -25.02 -4.28 -14.10
CA GLN B 97 -26.10 -4.02 -13.15
C GLN B 97 -26.74 -2.68 -13.50
N MET B 98 -27.86 -2.72 -14.23
CA MET B 98 -28.58 -1.52 -14.60
C MET B 98 -29.64 -1.21 -13.55
N ASN B 99 -29.65 0.03 -13.05
CA ASN B 99 -30.62 0.48 -12.07
C ASN B 99 -31.37 1.70 -12.61
N SER B 100 -32.58 1.91 -12.09
CA SER B 100 -33.39 3.10 -12.37
C SER B 100 -33.55 3.32 -13.87
N LEU B 101 -33.99 2.28 -14.56
CA LEU B 101 -34.12 2.34 -16.01
C LEU B 101 -35.26 3.26 -16.43
N LYS B 102 -35.09 3.91 -17.60
CA LYS B 102 -35.99 4.75 -18.37
C LYS B 102 -36.50 4.00 -19.60
N PRO B 103 -37.68 4.35 -20.12
CA PRO B 103 -38.23 3.60 -21.25
C PRO B 103 -37.38 3.64 -22.52
N GLU B 104 -36.45 4.57 -22.63
CA GLU B 104 -35.63 4.69 -23.83
C GLU B 104 -34.56 3.63 -23.95
N ASP B 105 -34.37 2.80 -22.92
CA ASP B 105 -33.30 1.80 -22.92
C ASP B 105 -33.64 0.55 -23.72
N THR B 106 -34.85 0.44 -24.25
CA THR B 106 -35.26 -0.76 -24.98
C THR B 106 -34.45 -0.93 -26.26
N ALA B 107 -33.63 -1.97 -26.30
CA ALA B 107 -32.75 -2.27 -27.43
C ALA B 107 -32.23 -3.70 -27.23
N VAL B 108 -31.24 -4.09 -28.03
CA VAL B 108 -30.62 -5.41 -27.90
C VAL B 108 -29.14 -5.21 -27.59
N TYR B 109 -28.70 -5.72 -26.45
CA TYR B 109 -27.34 -5.53 -25.97
C TYR B 109 -26.43 -6.60 -26.54
N TYR B 110 -25.16 -6.23 -26.76
CA TYR B 110 -24.13 -7.14 -27.25
C TYR B 110 -22.92 -7.07 -26.32
N CYS B 111 -22.30 -8.24 -26.13
CA CYS B 111 -21.02 -8.36 -25.42
C CYS B 111 -19.92 -8.58 -26.44
N ALA B 112 -18.72 -8.03 -26.17
CA ALA B 112 -17.62 -8.14 -27.12
C ALA B 112 -16.29 -8.16 -26.38
N ILE B 113 -15.28 -8.75 -27.02
CA ILE B 113 -13.94 -8.85 -26.47
C ILE B 113 -12.94 -8.29 -27.47
N ASP B 114 -12.02 -7.46 -26.98
CA ASP B 114 -11.02 -6.86 -27.84
C ASP B 114 -10.00 -7.92 -28.28
N SER B 115 -9.26 -7.60 -29.35
CA SER B 115 -8.29 -8.52 -29.92
C SER B 115 -6.85 -8.03 -29.78
N ASP B 116 -6.59 -7.05 -28.91
CA ASP B 116 -5.26 -6.57 -28.66
C ASP B 116 -5.01 -6.44 -27.16
N THR B 117 -3.74 -6.46 -26.78
CA THR B 117 -3.35 -6.32 -25.38
C THR B 117 -3.12 -4.88 -24.96
N PHE B 118 -3.13 -3.93 -25.90
CA PHE B 118 -2.94 -2.51 -25.59
C PHE B 118 -4.20 -1.70 -25.80
N TYR B 119 -5.36 -2.34 -25.86
CA TYR B 119 -6.67 -1.68 -25.86
C TYR B 119 -6.82 -0.66 -27.00
N SER B 120 -6.10 -0.85 -28.10
CA SER B 120 -6.11 0.19 -29.13
C SER B 120 -7.45 0.36 -29.81
N GLY B 121 -7.85 -0.58 -30.67
CA GLY B 121 -9.12 -0.46 -31.36
C GLY B 121 -9.83 -1.74 -31.77
N SER B 122 -9.30 -2.89 -31.36
CA SER B 122 -9.71 -4.16 -31.98
C SER B 122 -11.10 -4.59 -31.50
N TYR B 123 -12.01 -4.77 -32.45
CA TYR B 123 -13.36 -5.26 -32.18
C TYR B 123 -13.80 -6.25 -33.25
N ASP B 124 -12.92 -7.19 -33.61
CA ASP B 124 -13.27 -8.16 -34.66
C ASP B 124 -14.47 -9.01 -34.25
N TYR B 125 -14.50 -9.47 -33.00
CA TYR B 125 -15.62 -10.25 -32.51
C TYR B 125 -16.82 -9.36 -32.22
N TRP B 126 -18.00 -9.95 -32.28
CA TRP B 126 -19.23 -9.22 -31.97
C TRP B 126 -20.23 -10.18 -31.33
N GLY B 127 -21.16 -9.59 -30.57
CA GLY B 127 -22.10 -10.39 -29.80
C GLY B 127 -23.27 -10.88 -30.63
N GLN B 128 -23.84 -12.00 -30.18
CA GLN B 128 -25.04 -12.54 -30.80
C GLN B 128 -26.22 -11.59 -30.62
N GLY B 129 -26.35 -11.02 -29.43
CA GLY B 129 -27.40 -10.04 -29.17
C GLY B 129 -28.53 -10.57 -28.32
N THR B 130 -28.79 -9.92 -27.19
CA THR B 130 -29.90 -10.26 -26.31
C THR B 130 -30.77 -9.02 -26.11
N GLN B 131 -32.05 -9.12 -26.45
CA GLN B 131 -32.95 -7.99 -26.32
C GLN B 131 -33.31 -7.77 -24.85
N VAL B 132 -33.09 -6.55 -24.37
CA VAL B 132 -33.42 -6.19 -22.99
C VAL B 132 -34.27 -4.93 -23.07
N THR B 133 -35.59 -5.11 -23.06
CA THR B 133 -36.51 -3.99 -23.16
C THR B 133 -36.82 -3.43 -21.77
N VAL B 134 -37.77 -2.51 -21.72
CA VAL B 134 -38.14 -1.83 -20.48
C VAL B 134 -39.47 -1.13 -20.71
N SER B 135 -40.25 -1.01 -19.64
CA SER B 135 -41.56 -0.36 -19.69
C SER B 135 -42.50 -1.05 -20.66
N ASP C 21 22.19 -2.67 -12.10
CA ASP C 21 21.88 -3.55 -10.98
C ASP C 21 20.79 -2.96 -10.11
N ILE C 22 20.12 -3.83 -9.35
CA ILE C 22 19.00 -3.44 -8.48
C ILE C 22 17.98 -2.65 -9.29
N GLN C 23 17.28 -3.33 -10.19
CA GLN C 23 16.25 -2.67 -10.99
C GLN C 23 14.99 -2.46 -10.18
N MET C 24 14.32 -1.34 -10.40
CA MET C 24 13.07 -1.01 -9.74
C MET C 24 11.96 -0.95 -10.77
N THR C 25 10.85 -1.61 -10.49
CA THR C 25 9.71 -1.69 -11.41
C THR C 25 8.50 -1.03 -10.79
N GLN C 26 7.86 -0.15 -11.55
CA GLN C 26 6.66 0.57 -11.13
C GLN C 26 5.44 -0.05 -11.79
N SER C 27 4.41 -0.36 -10.98
CA SER C 27 3.32 -1.18 -11.51
C SER C 27 2.43 -0.42 -12.48
N PRO C 28 1.71 0.65 -12.08
CA PRO C 28 0.80 1.32 -13.03
C PRO C 28 1.54 2.39 -13.83
N SER C 29 1.57 2.21 -15.15
CA SER C 29 2.17 3.23 -16.01
C SER C 29 1.28 4.45 -16.15
N SER C 30 -0.02 4.24 -16.35
CA SER C 30 -0.97 5.33 -16.40
C SER C 30 -2.11 5.03 -15.44
N LEU C 31 -2.73 6.08 -14.93
CA LEU C 31 -3.77 5.91 -13.93
C LEU C 31 -4.78 7.05 -14.04
N SER C 32 -6.04 6.70 -14.27
CA SER C 32 -7.11 7.67 -14.40
C SER C 32 -7.91 7.74 -13.11
N ALA C 33 -8.02 8.94 -12.55
CA ALA C 33 -8.71 9.12 -11.28
C ALA C 33 -9.25 10.54 -11.21
N SER C 34 -10.42 10.70 -10.58
CA SER C 34 -11.06 11.99 -10.47
C SER C 34 -10.79 12.58 -9.08
N VAL C 35 -11.32 13.78 -8.84
CA VAL C 35 -11.10 14.45 -7.57
C VAL C 35 -11.73 13.64 -6.45
N GLY C 36 -11.09 13.65 -5.28
CA GLY C 36 -11.61 12.92 -4.15
C GLY C 36 -11.58 11.42 -4.26
N ASP C 37 -10.54 10.86 -4.87
CA ASP C 37 -10.35 9.42 -4.95
C ASP C 37 -9.11 9.00 -4.17
N ARG C 38 -8.92 7.68 -4.08
CA ARG C 38 -7.75 7.10 -3.43
C ARG C 38 -6.89 6.40 -4.49
N VAL C 39 -5.60 6.72 -4.51
CA VAL C 39 -4.71 6.14 -5.51
C VAL C 39 -3.52 5.47 -4.80
N THR C 40 -3.02 4.41 -5.43
CA THR C 40 -1.92 3.63 -4.89
C THR C 40 -0.98 3.22 -6.01
N ILE C 41 0.32 3.39 -5.77
CA ILE C 41 1.36 3.01 -6.72
C ILE C 41 2.33 2.07 -6.02
N THR C 42 2.78 1.05 -6.76
CA THR C 42 3.62 -0.01 -6.20
C THR C 42 4.97 -0.05 -6.91
N CYS C 43 6.05 -0.08 -6.12
CA CYS C 43 7.40 -0.28 -6.60
C CYS C 43 7.95 -1.60 -6.09
N ARG C 44 8.72 -2.28 -6.94
CA ARG C 44 9.30 -3.57 -6.59
C ARG C 44 10.79 -3.57 -6.95
N ALA C 45 11.61 -4.08 -6.04
CA ALA C 45 13.06 -4.14 -6.21
C ALA C 45 13.50 -5.56 -6.51
N SER C 46 14.73 -5.68 -7.01
CA SER C 46 15.32 -6.97 -7.34
C SER C 46 16.36 -7.44 -6.32
N GLN C 47 16.51 -6.72 -5.21
CA GLN C 47 17.51 -7.06 -4.20
C GLN C 47 17.02 -6.55 -2.86
N SER C 48 17.63 -7.06 -1.79
CA SER C 48 17.18 -6.76 -0.43
C SER C 48 17.68 -5.40 0.02
N VAL C 49 17.12 -4.36 -0.60
CA VAL C 49 17.39 -3.00 -0.13
C VAL C 49 16.54 -2.73 1.10
N SER C 50 17.11 -1.99 2.04
CA SER C 50 16.41 -1.59 3.24
C SER C 50 15.47 -0.43 2.91
N SER C 51 15.00 0.29 3.93
CA SER C 51 14.04 1.37 3.71
C SER C 51 14.61 2.52 2.87
N ALA C 52 15.81 2.43 2.30
CA ALA C 52 16.37 3.50 1.50
C ALA C 52 15.66 3.56 0.14
N VAL C 53 14.44 4.11 0.16
CA VAL C 53 13.68 4.36 -1.06
C VAL C 53 12.91 5.67 -0.87
N ALA C 54 12.80 6.43 -1.96
CA ALA C 54 12.20 7.76 -1.92
C ALA C 54 11.31 7.98 -3.13
N TRP C 55 10.45 8.98 -3.02
CA TRP C 55 9.49 9.32 -4.06
C TRP C 55 9.63 10.79 -4.42
N TYR C 56 9.36 11.09 -5.70
CA TYR C 56 9.48 12.44 -6.21
C TYR C 56 8.26 12.78 -7.04
N GLN C 57 7.95 14.07 -7.09
CA GLN C 57 6.83 14.59 -7.89
C GLN C 57 7.38 15.58 -8.90
N GLN C 58 6.93 15.47 -10.15
CA GLN C 58 7.41 16.33 -11.23
C GLN C 58 6.25 16.76 -12.11
N LYS C 59 6.04 18.06 -12.21
CA LYS C 59 5.18 18.59 -13.25
C LYS C 59 6.00 18.85 -14.51
N PRO C 60 5.39 18.84 -15.69
CA PRO C 60 6.16 19.00 -16.92
C PRO C 60 6.95 20.30 -16.94
N GLY C 61 8.18 20.22 -17.43
CA GLY C 61 9.07 21.37 -17.48
C GLY C 61 9.49 21.90 -16.12
N LYS C 62 9.84 21.02 -15.20
CA LYS C 62 10.29 21.44 -13.88
C LYS C 62 11.11 20.33 -13.25
N ALA C 63 11.98 20.73 -12.31
CA ALA C 63 12.80 19.79 -11.56
C ALA C 63 11.96 19.09 -10.50
N PRO C 64 12.08 17.77 -10.37
CA PRO C 64 11.26 17.04 -9.40
C PRO C 64 11.57 17.45 -7.97
N LYS C 65 10.56 17.33 -7.11
CA LYS C 65 10.70 17.63 -5.69
C LYS C 65 10.42 16.40 -4.85
N LEU C 66 11.06 16.36 -3.68
CA LEU C 66 10.99 15.19 -2.81
C LEU C 66 9.64 15.10 -2.10
N LEU C 67 9.15 13.87 -1.92
CA LEU C 67 7.88 13.62 -1.24
C LEU C 67 8.02 12.78 0.02
N ILE C 68 8.66 11.63 -0.07
CA ILE C 68 8.78 10.69 1.04
C ILE C 68 10.21 10.14 1.05
N TYR C 69 10.77 9.95 2.24
CA TYR C 69 12.08 9.32 2.38
C TYR C 69 12.01 8.26 3.47
N SER C 70 13.01 7.38 3.48
CA SER C 70 13.13 6.27 4.42
C SER C 70 11.96 5.30 4.34
N ALA C 71 11.21 5.35 3.23
CA ALA C 71 10.11 4.45 2.89
C ALA C 71 8.86 4.68 3.74
N SER C 72 8.98 5.47 4.81
CA SER C 72 7.79 5.99 5.50
C SER C 72 8.25 7.20 6.31
N SER C 73 8.06 8.39 5.74
CA SER C 73 8.39 9.64 6.41
C SER C 73 7.92 10.83 5.60
N LEU C 74 7.31 11.81 6.25
CA LEU C 74 6.85 13.00 5.57
C LEU C 74 7.94 14.04 5.53
N TYR C 75 8.14 14.63 4.35
CA TYR C 75 9.07 15.73 4.19
C TYR C 75 8.36 17.04 4.46
N SER C 76 9.02 17.93 5.21
CA SER C 76 8.44 19.19 5.62
C SER C 76 8.03 20.03 4.42
N GLY C 77 6.73 20.22 4.23
CA GLY C 77 6.22 20.99 3.12
C GLY C 77 5.32 20.23 2.19
N VAL C 78 4.87 19.05 2.62
CA VAL C 78 3.96 18.23 1.81
C VAL C 78 2.70 17.94 2.62
N PRO C 79 1.54 17.79 1.98
CA PRO C 79 0.31 17.51 2.72
C PRO C 79 0.35 16.13 3.36
N SER C 80 -0.40 16.00 4.46
CA SER C 80 -0.44 14.75 5.20
C SER C 80 -1.20 13.65 4.48
N ARG C 81 -1.91 13.98 3.40
CA ARG C 81 -2.63 12.95 2.64
C ARG C 81 -1.67 11.97 1.98
N PHE C 82 -0.46 12.42 1.65
CA PHE C 82 0.56 11.52 1.11
C PHE C 82 1.00 10.55 2.19
N SER C 83 1.14 9.27 1.82
CA SER C 83 1.62 8.29 2.77
C SER C 83 2.39 7.20 2.03
N GLY C 84 3.31 6.56 2.75
CA GLY C 84 4.08 5.48 2.18
C GLY C 84 4.08 4.29 3.13
N SER C 85 4.40 3.12 2.57
CA SER C 85 4.42 1.91 3.36
C SER C 85 5.45 0.94 2.77
N ARG C 86 6.08 0.20 3.68
CA ARG C 86 7.11 -0.78 3.35
C ARG C 86 6.64 -2.16 3.77
N SER C 87 6.90 -3.16 2.92
CA SER C 87 6.58 -4.54 3.23
C SER C 87 7.54 -5.43 2.44
N GLY C 88 8.57 -5.92 3.11
CA GLY C 88 9.54 -6.75 2.43
C GLY C 88 10.28 -5.95 1.37
N THR C 89 10.19 -6.42 0.13
CA THR C 89 10.83 -5.77 -1.00
C THR C 89 9.91 -4.82 -1.74
N ASP C 90 8.60 -4.95 -1.56
CA ASP C 90 7.64 -4.07 -2.22
C ASP C 90 7.39 -2.81 -1.42
N PHE C 91 7.10 -1.71 -2.11
CA PHE C 91 6.83 -0.44 -1.48
C PHE C 91 5.56 0.17 -2.09
N THR C 92 4.79 0.87 -1.27
CA THR C 92 3.49 1.38 -1.71
C THR C 92 3.35 2.85 -1.36
N LEU C 93 2.97 3.67 -2.33
CA LEU C 93 2.61 5.07 -2.13
C LEU C 93 1.11 5.21 -2.24
N THR C 94 0.51 5.93 -1.28
CA THR C 94 -0.94 6.07 -1.23
C THR C 94 -1.31 7.54 -1.04
N ILE C 95 -2.30 7.98 -1.82
CA ILE C 95 -2.94 9.28 -1.64
C ILE C 95 -4.41 9.02 -1.36
N SER C 96 -4.85 9.43 -0.17
CA SER C 96 -6.23 9.17 0.24
C SER C 96 -7.21 10.09 -0.44
N SER C 97 -6.85 11.36 -0.61
CA SER C 97 -7.68 12.35 -1.28
C SER C 97 -6.91 12.93 -2.46
N LEU C 98 -7.48 12.78 -3.66
CA LEU C 98 -6.78 13.20 -4.88
C LEU C 98 -7.24 14.61 -5.25
N GLN C 99 -6.62 15.58 -4.58
CA GLN C 99 -6.92 16.98 -4.80
C GLN C 99 -6.44 17.41 -6.19
N PRO C 100 -6.97 18.52 -6.71
CA PRO C 100 -6.63 18.91 -8.10
C PRO C 100 -5.18 19.28 -8.32
N GLU C 101 -4.33 19.16 -7.30
CA GLU C 101 -2.91 19.45 -7.44
C GLU C 101 -2.06 18.18 -7.47
N ASP C 102 -2.68 17.00 -7.61
CA ASP C 102 -1.96 15.74 -7.60
C ASP C 102 -1.84 15.12 -8.99
N PHE C 103 -2.06 15.89 -10.05
CA PHE C 103 -1.95 15.38 -11.42
C PHE C 103 -0.57 15.74 -11.95
N ALA C 104 0.39 14.83 -11.74
CA ALA C 104 1.75 15.05 -12.19
C ALA C 104 2.37 13.69 -12.50
N THR C 105 3.69 13.64 -12.61
CA THR C 105 4.42 12.39 -12.84
C THR C 105 5.19 12.07 -11.58
N TYR C 106 5.01 10.85 -11.06
CA TYR C 106 5.60 10.42 -9.81
C TYR C 106 6.73 9.43 -10.08
N TYR C 107 7.82 9.58 -9.33
CA TYR C 107 9.03 8.82 -9.59
C TYR C 107 9.48 8.15 -8.30
N CYS C 108 10.24 7.07 -8.46
CA CYS C 108 10.56 6.14 -7.38
C CYS C 108 12.02 5.75 -7.47
N GLN C 109 12.74 5.85 -6.35
CA GLN C 109 14.19 5.76 -6.38
C GLN C 109 14.70 4.99 -5.19
N GLN C 110 15.85 4.33 -5.36
CA GLN C 110 16.57 3.64 -4.30
C GLN C 110 17.99 4.16 -4.23
N TYR C 111 18.50 4.37 -3.01
CA TYR C 111 19.78 5.04 -2.80
C TYR C 111 20.62 4.30 -1.76
N LEU C 112 20.79 2.99 -1.95
CA LEU C 112 21.58 2.22 -0.99
C LEU C 112 23.01 2.70 -0.90
N TYR C 113 23.56 3.25 -1.98
CA TYR C 113 24.89 3.85 -1.95
C TYR C 113 24.99 4.87 -3.07
N TYR C 114 26.06 5.67 -3.03
CA TYR C 114 26.19 6.83 -3.91
C TYR C 114 26.27 6.41 -5.37
N SER C 115 27.20 5.51 -5.70
CA SER C 115 27.44 5.19 -7.10
C SER C 115 26.30 4.38 -7.70
N LEU C 116 25.74 3.45 -6.95
CA LEU C 116 24.68 2.58 -7.45
C LEU C 116 23.32 3.19 -7.11
N VAL C 117 22.77 3.96 -8.03
CA VAL C 117 21.47 4.60 -7.89
C VAL C 117 20.69 4.41 -9.19
N THR C 118 19.47 3.89 -9.09
CA THR C 118 18.62 3.66 -10.25
C THR C 118 17.23 4.25 -10.01
N PHE C 119 16.57 4.62 -11.10
CA PHE C 119 15.25 5.20 -11.08
C PHE C 119 14.23 4.26 -11.72
N GLY C 120 12.95 4.51 -11.42
CA GLY C 120 11.87 3.82 -12.09
C GLY C 120 11.46 4.51 -13.38
N GLN C 121 10.54 3.88 -14.09
CA GLN C 121 10.08 4.42 -15.37
C GLN C 121 9.13 5.59 -15.20
N GLY C 122 8.42 5.65 -14.08
CA GLY C 122 7.52 6.75 -13.82
C GLY C 122 6.07 6.39 -14.10
N THR C 123 5.17 7.07 -13.39
CA THR C 123 3.73 6.85 -13.54
C THR C 123 3.04 8.17 -13.80
N LYS C 124 2.06 8.15 -14.70
CA LYS C 124 1.34 9.35 -15.11
C LYS C 124 -0.11 9.23 -14.66
N VAL C 125 -0.59 10.23 -13.92
CA VAL C 125 -1.94 10.24 -13.39
C VAL C 125 -2.72 11.33 -14.09
N GLU C 126 -3.94 11.00 -14.53
CA GLU C 126 -4.77 11.89 -15.33
C GLU C 126 -6.22 11.80 -14.87
N ILE C 127 -7.07 12.59 -15.52
CA ILE C 127 -8.49 12.65 -15.15
C ILE C 127 -9.24 11.48 -15.78
N LYS C 128 -10.45 11.25 -15.30
CA LYS C 128 -11.35 10.23 -15.82
C LYS C 128 -12.62 10.89 -16.31
N ARG C 129 -13.03 10.55 -17.53
CA ARG C 129 -14.26 11.12 -18.10
C ARG C 129 -14.99 10.03 -18.87
N THR C 130 -15.98 10.44 -19.64
CA THR C 130 -16.75 9.54 -20.48
C THR C 130 -15.97 9.22 -21.76
N VAL C 131 -16.67 8.62 -22.72
CA VAL C 131 -16.05 8.17 -23.96
C VAL C 131 -16.60 8.98 -25.11
N ALA C 132 -15.71 9.49 -25.95
CA ALA C 132 -16.07 10.21 -27.17
C ALA C 132 -15.34 9.60 -28.34
N ALA C 133 -16.04 9.41 -29.45
CA ALA C 133 -15.42 8.82 -30.61
C ALA C 133 -14.63 9.87 -31.40
N PRO C 134 -13.56 9.45 -32.07
CA PRO C 134 -12.79 10.41 -32.87
C PRO C 134 -13.53 10.87 -34.11
N SER C 135 -13.95 12.12 -34.12
CA SER C 135 -14.69 12.68 -35.26
C SER C 135 -13.68 13.10 -36.32
N VAL C 136 -13.41 12.22 -37.27
CA VAL C 136 -12.40 12.47 -38.28
C VAL C 136 -12.87 13.58 -39.21
N PHE C 137 -12.02 14.60 -39.39
CA PHE C 137 -12.22 15.65 -40.39
C PHE C 137 -10.98 15.65 -41.27
N ILE C 138 -10.99 14.85 -42.33
CA ILE C 138 -9.84 14.73 -43.20
C ILE C 138 -9.68 15.99 -44.04
N PHE C 139 -8.45 16.26 -44.48
CA PHE C 139 -8.13 17.40 -45.32
C PHE C 139 -7.02 17.05 -46.31
N PRO C 140 -7.21 17.35 -47.59
CA PRO C 140 -6.22 16.96 -48.60
C PRO C 140 -5.04 17.92 -48.62
N PRO C 141 -3.91 17.50 -49.17
CA PRO C 141 -2.76 18.41 -49.30
C PRO C 141 -3.04 19.51 -50.31
N SER C 142 -2.37 20.64 -50.12
CA SER C 142 -2.51 21.77 -51.02
C SER C 142 -1.75 21.53 -52.32
N ASP C 143 -2.09 22.34 -53.33
CA ASP C 143 -1.44 22.20 -54.63
C ASP C 143 0.00 22.68 -54.60
N SER C 144 0.32 23.63 -53.72
CA SER C 144 1.67 24.17 -53.66
C SER C 144 2.69 23.12 -53.24
N GLN C 145 2.29 22.18 -52.38
CA GLN C 145 3.22 21.13 -51.96
C GLN C 145 3.64 20.27 -53.14
N LEU C 146 2.68 19.80 -53.94
CA LEU C 146 3.02 18.99 -55.10
C LEU C 146 3.68 19.82 -56.19
N LYS C 147 3.40 21.13 -56.23
CA LYS C 147 4.13 22.00 -57.14
C LYS C 147 5.61 22.06 -56.77
N SER C 148 5.90 22.18 -55.46
CA SER C 148 7.26 22.13 -54.97
C SER C 148 7.88 20.75 -55.12
N GLY C 149 7.07 19.70 -55.20
CA GLY C 149 7.56 18.35 -55.44
C GLY C 149 7.42 17.39 -54.28
N THR C 150 6.75 17.80 -53.19
CA THR C 150 6.61 16.92 -52.03
C THR C 150 5.29 17.26 -51.34
N ALA C 151 4.27 16.45 -51.58
CA ALA C 151 2.99 16.63 -50.92
C ALA C 151 3.01 15.95 -49.55
N SER C 152 1.90 16.01 -48.82
CA SER C 152 1.83 15.39 -47.49
C SER C 152 0.38 15.01 -47.23
N VAL C 153 0.08 13.72 -47.35
CA VAL C 153 -1.27 13.24 -47.04
C VAL C 153 -1.44 13.20 -45.52
N VAL C 154 -2.32 14.03 -44.99
CA VAL C 154 -2.43 14.21 -43.55
C VAL C 154 -3.88 14.01 -43.12
N CYS C 155 -4.08 13.20 -42.08
CA CYS C 155 -5.39 12.93 -41.51
C CYS C 155 -5.42 13.36 -40.05
N LEU C 156 -6.62 13.59 -39.54
CA LEU C 156 -6.78 14.14 -38.20
C LEU C 156 -7.89 13.42 -37.45
N LEU C 157 -7.65 13.11 -36.17
CA LEU C 157 -8.66 12.65 -35.24
C LEU C 157 -8.76 13.65 -34.11
N ASN C 158 -9.97 14.06 -33.77
CA ASN C 158 -10.20 15.23 -32.93
C ASN C 158 -11.10 14.89 -31.76
N ASN C 159 -10.69 15.28 -30.55
CA ASN C 159 -11.51 15.23 -29.35
C ASN C 159 -11.97 13.81 -29.02
N PHE C 160 -11.01 12.99 -28.63
CA PHE C 160 -11.30 11.63 -28.19
C PHE C 160 -10.72 11.36 -26.80
N TYR C 161 -11.35 10.42 -26.09
CA TYR C 161 -10.88 9.93 -24.80
C TYR C 161 -11.45 8.54 -24.61
N PRO C 162 -10.67 7.58 -24.10
CA PRO C 162 -9.26 7.66 -23.68
C PRO C 162 -8.24 7.79 -24.82
N ARG C 163 -6.95 7.67 -24.49
CA ARG C 163 -5.90 8.05 -25.43
C ARG C 163 -5.74 7.05 -26.56
N GLU C 164 -5.91 5.75 -26.27
CA GLU C 164 -5.53 4.71 -27.23
C GLU C 164 -6.38 4.80 -28.49
N ALA C 165 -5.71 4.75 -29.64
CA ALA C 165 -6.37 4.76 -30.94
C ALA C 165 -5.43 4.14 -31.95
N LYS C 166 -5.98 3.70 -33.08
CA LYS C 166 -5.18 3.07 -34.12
C LYS C 166 -5.54 3.67 -35.47
N VAL C 167 -4.52 4.00 -36.25
CA VAL C 167 -4.69 4.47 -37.61
C VAL C 167 -3.76 3.69 -38.52
N GLN C 168 -4.29 3.17 -39.62
CA GLN C 168 -3.45 2.50 -40.60
C GLN C 168 -3.52 3.25 -41.92
N TRP C 169 -2.35 3.56 -42.47
CA TRP C 169 -2.25 4.36 -43.67
C TRP C 169 -2.54 3.51 -44.90
N LYS C 170 -3.26 4.09 -45.85
CA LYS C 170 -3.65 3.35 -47.04
C LYS C 170 -3.74 4.30 -48.22
N VAL C 171 -3.00 3.97 -49.29
CA VAL C 171 -2.97 4.77 -50.51
C VAL C 171 -3.43 3.90 -51.67
N ASP C 172 -4.27 4.47 -52.53
CA ASP C 172 -4.87 3.76 -53.66
C ASP C 172 -5.56 2.48 -53.19
N ASN C 173 -6.26 2.57 -52.07
CA ASN C 173 -6.95 1.43 -51.45
C ASN C 173 -5.98 0.29 -51.13
N ALA C 174 -4.75 0.63 -50.75
CA ALA C 174 -3.75 -0.36 -50.38
C ALA C 174 -2.91 0.18 -49.24
N LEU C 175 -2.66 -0.65 -48.22
CA LEU C 175 -1.87 -0.23 -47.08
C LEU C 175 -0.41 -0.05 -47.48
N GLN C 176 0.29 0.80 -46.73
CA GLN C 176 1.67 1.15 -47.03
C GLN C 176 2.38 1.53 -45.74
N SER C 177 3.65 1.16 -45.63
CA SER C 177 4.47 1.48 -44.48
C SER C 177 5.47 2.58 -44.82
N GLY C 178 5.93 3.26 -43.79
CA GLY C 178 6.90 4.34 -43.95
C GLY C 178 6.23 5.70 -44.02
N ASN C 179 6.96 6.72 -43.58
CA ASN C 179 6.49 8.11 -43.55
C ASN C 179 5.18 8.23 -42.77
N SER C 180 5.15 7.58 -41.61
CA SER C 180 3.95 7.52 -40.78
C SER C 180 4.19 8.14 -39.41
N GLN C 181 4.82 9.31 -39.37
CA GLN C 181 5.03 10.01 -38.12
C GLN C 181 3.71 10.60 -37.62
N GLU C 182 3.49 10.51 -36.32
CA GLU C 182 2.26 11.01 -35.71
C GLU C 182 2.59 11.63 -34.36
N SER C 183 1.73 12.55 -33.93
CA SER C 183 1.88 13.19 -32.64
C SER C 183 0.53 13.26 -31.94
N VAL C 184 0.57 13.35 -30.62
CA VAL C 184 -0.63 13.46 -29.80
C VAL C 184 -0.44 14.60 -28.81
N THR C 185 -1.48 15.42 -28.66
CA THR C 185 -1.41 16.57 -27.77
C THR C 185 -1.61 16.13 -26.32
N GLU C 186 -1.81 17.10 -25.43
CA GLU C 186 -2.04 16.84 -24.02
C GLU C 186 -3.45 17.30 -23.66
N GLN C 187 -3.94 16.79 -22.52
CA GLN C 187 -5.33 17.01 -22.13
C GLN C 187 -5.60 18.50 -21.97
N ASP C 188 -6.50 19.02 -22.81
CA ASP C 188 -6.86 20.43 -22.75
C ASP C 188 -7.71 20.71 -21.50
N SER C 189 -7.69 21.96 -21.08
CA SER C 189 -8.46 22.39 -19.92
C SER C 189 -9.93 22.64 -20.23
N LYS C 190 -10.32 22.57 -21.50
CA LYS C 190 -11.72 22.80 -21.87
C LYS C 190 -12.60 21.63 -21.42
N ASP C 191 -12.31 20.43 -21.93
CA ASP C 191 -13.11 19.27 -21.57
C ASP C 191 -12.27 18.01 -21.37
N SER C 192 -10.95 18.13 -21.20
CA SER C 192 -10.07 17.01 -20.88
C SER C 192 -10.09 15.94 -21.97
N THR C 193 -9.75 16.35 -23.19
CA THR C 193 -9.71 15.46 -24.34
C THR C 193 -8.35 15.52 -25.01
N TYR C 194 -8.13 14.59 -25.92
CA TYR C 194 -6.91 14.50 -26.72
C TYR C 194 -7.18 14.93 -28.15
N SER C 195 -6.17 14.75 -29.01
CA SER C 195 -6.27 14.94 -30.45
C SER C 195 -4.99 14.41 -31.07
N LEU C 196 -5.09 13.94 -32.32
CA LEU C 196 -3.95 13.34 -32.99
C LEU C 196 -4.00 13.69 -34.46
N SER C 197 -2.82 13.82 -35.08
CA SER C 197 -2.71 14.07 -36.50
C SER C 197 -1.60 13.20 -37.07
N SER C 198 -1.85 12.61 -38.23
CA SER C 198 -0.89 11.75 -38.90
C SER C 198 -0.51 12.35 -40.24
N THR C 199 0.79 12.44 -40.48
CA THR C 199 1.33 13.04 -41.69
C THR C 199 2.00 11.98 -42.55
N LEU C 200 1.85 12.13 -43.86
CA LEU C 200 2.30 11.20 -44.89
C LEU C 200 2.98 11.97 -46.01
N THR C 201 4.01 12.73 -45.67
CA THR C 201 4.79 13.42 -46.68
C THR C 201 5.35 12.42 -47.70
N LEU C 202 5.20 12.76 -48.98
CA LEU C 202 5.63 11.91 -50.08
C LEU C 202 6.15 12.78 -51.21
N SER C 203 7.05 12.21 -52.00
CA SER C 203 7.63 12.94 -53.13
C SER C 203 6.66 12.99 -54.30
N LYS C 204 6.97 13.88 -55.24
CA LYS C 204 6.14 14.02 -56.43
C LYS C 204 6.13 12.75 -57.26
N ALA C 205 7.27 12.06 -57.32
CA ALA C 205 7.40 10.88 -58.18
C ALA C 205 6.37 9.81 -57.81
N ASP C 206 6.23 9.51 -56.53
CA ASP C 206 5.24 8.53 -56.11
C ASP C 206 3.86 9.14 -55.93
N TYR C 207 3.78 10.44 -55.63
CA TYR C 207 2.47 11.07 -55.46
C TYR C 207 1.69 11.11 -56.76
N GLU C 208 2.38 11.36 -57.88
CA GLU C 208 1.69 11.39 -59.16
C GLU C 208 1.18 10.01 -59.55
N LYS C 209 1.88 8.95 -59.14
CA LYS C 209 1.35 7.61 -59.36
C LYS C 209 0.16 7.32 -58.46
N HIS C 210 0.23 7.77 -57.20
CA HIS C 210 -0.87 7.57 -56.27
C HIS C 210 -2.09 8.39 -56.70
N LYS C 211 -3.28 7.80 -56.55
CA LYS C 211 -4.53 8.46 -56.90
C LYS C 211 -5.47 8.60 -55.72
N VAL C 212 -5.67 7.54 -54.94
CA VAL C 212 -6.63 7.51 -53.85
C VAL C 212 -5.88 7.50 -52.52
N TYR C 213 -6.42 8.20 -51.53
CA TYR C 213 -5.82 8.29 -50.20
C TYR C 213 -6.91 8.09 -49.17
N ALA C 214 -6.81 7.03 -48.37
CA ALA C 214 -7.80 6.73 -47.34
C ALA C 214 -7.10 6.30 -46.07
N CYS C 215 -7.45 6.93 -44.95
CA CYS C 215 -6.87 6.61 -43.65
C CYS C 215 -7.91 5.90 -42.80
N GLU C 216 -7.65 4.63 -42.48
CA GLU C 216 -8.58 3.84 -41.68
C GLU C 216 -8.30 4.03 -40.19
N VAL C 217 -9.36 4.28 -39.43
CA VAL C 217 -9.28 4.65 -38.03
C VAL C 217 -10.02 3.60 -37.21
N THR C 218 -9.56 3.40 -35.98
CA THR C 218 -10.22 2.51 -35.02
C THR C 218 -10.04 3.09 -33.63
N HIS C 219 -11.13 3.18 -32.87
CA HIS C 219 -11.10 3.56 -31.47
C HIS C 219 -11.96 2.60 -30.67
N GLN C 220 -11.60 2.45 -29.39
CA GLN C 220 -12.38 1.59 -28.50
C GLN C 220 -13.80 2.08 -28.33
N GLY C 221 -14.05 3.38 -28.55
CA GLY C 221 -15.40 3.90 -28.50
C GLY C 221 -16.17 3.81 -29.80
N LEU C 222 -15.50 3.41 -30.89
CA LEU C 222 -16.14 3.27 -32.19
C LEU C 222 -16.30 1.77 -32.49
N SER C 223 -17.54 1.35 -32.66
CA SER C 223 -17.82 -0.07 -32.87
C SER C 223 -17.16 -0.58 -34.14
N SER C 224 -17.30 0.18 -35.22
CA SER C 224 -16.81 -0.29 -36.51
C SER C 224 -15.81 0.69 -37.08
N PRO C 225 -14.76 0.20 -37.75
CA PRO C 225 -13.76 1.12 -38.31
C PRO C 225 -14.32 1.94 -39.47
N VAL C 226 -14.09 3.25 -39.42
CA VAL C 226 -14.57 4.19 -40.43
C VAL C 226 -13.37 4.81 -41.12
N THR C 227 -13.49 4.97 -42.43
CA THR C 227 -12.45 5.61 -43.23
C THR C 227 -13.10 6.60 -44.19
N LYS C 228 -12.44 7.72 -44.41
CA LYS C 228 -12.86 8.72 -45.36
C LYS C 228 -11.72 8.98 -46.34
N SER C 229 -12.06 9.08 -47.62
CA SER C 229 -11.06 9.14 -48.68
C SER C 229 -11.31 10.35 -49.57
N PHE C 230 -10.22 10.83 -50.17
CA PHE C 230 -10.27 11.92 -51.14
C PHE C 230 -9.44 11.53 -52.35
N ASN C 231 -9.92 11.89 -53.53
CA ASN C 231 -9.23 11.54 -54.77
C ASN C 231 -8.30 12.67 -55.21
N ARG C 232 -7.38 12.34 -56.11
CA ARG C 232 -6.41 13.30 -56.62
C ARG C 232 -6.56 13.48 -58.13
N LYS D 351 -27.61 -42.03 46.44
CA LYS D 351 -27.37 -41.73 47.84
C LYS D 351 -25.88 -41.60 48.12
N ILE D 352 -25.51 -40.56 48.86
CA ILE D 352 -24.13 -40.33 49.29
C ILE D 352 -24.14 -40.16 50.80
N THR D 353 -23.22 -40.85 51.48
CA THR D 353 -23.23 -40.94 52.92
C THR D 353 -22.73 -39.65 53.57
N SER D 354 -22.97 -39.55 54.88
CA SER D 354 -22.45 -38.42 55.65
C SER D 354 -20.93 -38.41 55.69
N ALA D 355 -20.28 -39.52 55.32
CA ALA D 355 -18.84 -39.49 55.09
C ALA D 355 -18.49 -38.42 54.09
N PHE D 356 -19.38 -38.12 53.15
CA PHE D 356 -19.20 -36.95 52.29
C PHE D 356 -19.16 -35.68 53.12
N LYS D 357 -20.05 -35.54 54.10
CA LYS D 357 -20.01 -34.35 54.95
C LYS D 357 -18.69 -34.24 55.70
N TYR D 358 -18.21 -35.37 56.22
CA TYR D 358 -16.97 -35.33 56.99
C TYR D 358 -15.75 -35.04 56.11
N ILE D 359 -15.69 -35.65 54.92
CA ILE D 359 -14.58 -35.34 54.01
C ILE D 359 -14.67 -33.90 53.53
N ASN D 360 -15.88 -33.38 53.34
CA ASN D 360 -16.03 -31.97 52.99
C ASN D 360 -15.51 -31.08 54.10
N THR D 361 -15.81 -31.43 55.35
CA THR D 361 -15.27 -30.67 56.48
C THR D 361 -13.75 -30.73 56.50
N VAL D 362 -13.18 -31.92 56.28
CA VAL D 362 -11.72 -32.05 56.38
C VAL D 362 -11.03 -31.31 55.24
N ILE D 363 -11.60 -31.34 54.04
CA ILE D 363 -10.97 -30.62 52.95
C ILE D 363 -11.14 -29.12 53.14
N SER D 364 -12.26 -28.67 53.73
CA SER D 364 -12.41 -27.25 54.00
C SER D 364 -11.38 -26.77 55.00
N CYS D 365 -11.15 -27.55 56.07
CA CYS D 365 -10.12 -27.18 57.04
C CYS D 365 -8.75 -27.17 56.39
N THR D 366 -8.46 -28.16 55.54
CA THR D 366 -7.19 -28.19 54.84
C THR D 366 -7.01 -26.97 53.96
N ILE D 367 -8.05 -26.60 53.21
CA ILE D 367 -7.97 -25.45 52.33
C ILE D 367 -7.70 -24.20 53.14
N PHE D 368 -8.38 -24.04 54.27
CA PHE D 368 -8.14 -22.88 55.11
C PHE D 368 -6.68 -22.82 55.57
N ILE D 369 -6.20 -23.91 56.20
CA ILE D 369 -4.90 -23.87 56.84
C ILE D 369 -3.78 -23.78 55.81
N VAL D 370 -4.03 -24.19 54.57
CA VAL D 370 -3.00 -24.07 53.55
C VAL D 370 -3.05 -22.70 52.89
N GLY D 371 -4.22 -22.28 52.42
CA GLY D 371 -4.33 -21.06 51.66
C GLY D 371 -4.02 -19.82 52.48
N MET D 372 -4.44 -19.80 53.75
CA MET D 372 -4.15 -18.65 54.58
C MET D 372 -2.65 -18.38 54.64
N VAL D 373 -1.88 -19.41 55.00
CA VAL D 373 -0.43 -19.26 55.11
C VAL D 373 0.17 -18.93 53.76
N GLY D 374 -0.24 -19.64 52.70
CA GLY D 374 0.38 -19.43 51.41
C GLY D 374 0.19 -18.02 50.89
N ASN D 375 -1.04 -17.52 50.96
CA ASN D 375 -1.29 -16.14 50.53
C ASN D 375 -0.59 -15.14 51.43
N ALA D 376 -0.48 -15.43 52.73
CA ALA D 376 0.25 -14.55 53.62
C ALA D 376 1.71 -14.41 53.19
N THR D 377 2.38 -15.54 52.95
CA THR D 377 3.77 -15.46 52.51
C THR D 377 3.89 -14.78 51.15
N LEU D 378 2.95 -15.04 50.25
CA LEU D 378 3.06 -14.45 48.91
C LEU D 378 2.95 -12.92 48.98
N LEU D 379 1.95 -12.40 49.69
CA LEU D 379 1.83 -10.95 49.76
C LEU D 379 2.86 -10.33 50.70
N ARG D 380 3.48 -11.13 51.57
CA ARG D 380 4.62 -10.64 52.34
C ARG D 380 5.85 -10.47 51.46
N ILE D 381 6.11 -11.46 50.61
CA ILE D 381 7.27 -11.41 49.73
C ILE D 381 7.12 -10.33 48.66
N ILE D 382 5.90 -10.16 48.13
CA ILE D 382 5.72 -9.25 47.00
C ILE D 382 6.10 -7.83 47.38
N TYR D 383 5.92 -7.46 48.65
CA TYR D 383 6.26 -6.11 49.10
C TYR D 383 7.44 -6.08 50.04
N GLN D 384 8.04 -7.24 50.37
CA GLN D 384 9.27 -7.24 51.14
C GLN D 384 10.47 -6.92 50.26
N ASN D 385 10.58 -7.62 49.13
CA ASN D 385 11.75 -7.51 48.26
C ASN D 385 11.65 -6.25 47.40
N LYS D 386 12.78 -5.57 47.25
CA LYS D 386 12.85 -4.39 46.39
C LYS D 386 13.01 -4.75 44.92
N CYS D 387 13.24 -6.03 44.60
CA CYS D 387 13.45 -6.46 43.23
C CYS D 387 12.22 -7.11 42.61
N MET D 388 11.35 -7.72 43.40
CA MET D 388 10.18 -8.41 42.90
C MET D 388 9.00 -7.48 42.65
N ARG D 389 9.25 -6.18 42.47
CA ARG D 389 8.18 -5.23 42.24
C ARG D 389 8.14 -4.87 40.75
N ASN D 390 7.05 -5.23 40.09
CA ASN D 390 6.82 -4.88 38.69
C ASN D 390 5.34 -5.09 38.39
N GLY D 391 4.99 -4.94 37.11
CA GLY D 391 3.62 -5.06 36.68
C GLY D 391 3.03 -6.44 36.87
N PRO D 392 3.64 -7.44 36.23
CA PRO D 392 3.16 -8.83 36.41
C PRO D 392 3.12 -9.26 37.86
N ASN D 393 4.12 -8.87 38.65
CA ASN D 393 4.13 -9.23 40.06
C ASN D 393 3.03 -8.50 40.83
N ALA D 394 2.74 -7.26 40.47
CA ALA D 394 1.62 -6.56 41.10
C ALA D 394 0.29 -7.25 40.78
N LEU D 395 0.12 -7.67 39.52
CA LEU D 395 -1.08 -8.41 39.15
C LEU D 395 -1.20 -9.71 39.94
N ILE D 396 -0.09 -10.45 40.08
CA ILE D 396 -0.12 -11.70 40.82
C ILE D 396 -0.44 -11.43 42.29
N ALA D 397 0.12 -10.36 42.85
CA ALA D 397 -0.18 -10.01 44.24
C ALA D 397 -1.65 -9.68 44.43
N SER D 398 -2.25 -8.96 43.47
CA SER D 398 -3.68 -8.67 43.56
C SER D 398 -4.51 -9.95 43.48
N LEU D 399 -4.16 -10.84 42.54
CA LEU D 399 -4.86 -12.11 42.41
C LEU D 399 -4.74 -12.93 43.69
N ALA D 400 -3.58 -12.86 44.36
CA ALA D 400 -3.39 -13.63 45.58
C ALA D 400 -4.18 -13.04 46.73
N LEU D 401 -4.17 -11.71 46.88
CA LEU D 401 -4.92 -11.09 47.96
C LEU D 401 -6.42 -11.28 47.76
N GLY D 402 -6.86 -11.46 46.52
CA GLY D 402 -8.27 -11.71 46.29
C GLY D 402 -8.80 -13.00 46.86
N ASP D 403 -7.95 -13.82 47.47
CA ASP D 403 -8.36 -15.12 47.98
C ASP D 403 -8.40 -15.20 49.50
N LEU D 404 -7.61 -14.38 50.21
CA LEU D 404 -7.68 -14.39 51.66
C LEU D 404 -9.06 -13.93 52.15
N ILE D 405 -9.55 -12.82 51.60
CA ILE D 405 -10.83 -12.29 52.03
C ILE D 405 -11.98 -13.19 51.60
N TYR D 406 -11.72 -14.11 50.66
CA TYR D 406 -12.70 -15.12 50.36
C TYR D 406 -12.65 -16.26 51.38
N VAL D 407 -11.46 -16.80 51.61
CA VAL D 407 -11.35 -18.02 52.41
C VAL D 407 -11.67 -17.73 53.88
N VAL D 408 -10.97 -16.78 54.48
CA VAL D 408 -11.00 -16.61 55.93
C VAL D 408 -12.38 -16.21 56.43
N ILE D 409 -13.31 -15.94 55.51
CA ILE D 409 -14.67 -15.56 55.85
C ILE D 409 -15.67 -16.60 55.36
N ASP D 410 -15.53 -17.07 54.12
CA ASP D 410 -16.49 -18.02 53.57
C ASP D 410 -16.30 -19.41 54.15
N LEU D 411 -15.06 -19.88 54.26
CA LEU D 411 -14.84 -21.27 54.67
C LEU D 411 -15.37 -21.58 56.07
N PRO D 412 -15.15 -20.77 57.10
CA PRO D 412 -15.66 -21.13 58.44
C PRO D 412 -17.17 -21.25 58.50
N ILE D 413 -17.90 -20.28 57.95
CA ILE D 413 -19.35 -20.39 57.97
C ILE D 413 -19.80 -21.58 57.13
N ASN D 414 -19.08 -21.88 56.05
CA ASN D 414 -19.42 -23.02 55.22
C ASN D 414 -19.29 -24.32 55.99
N VAL D 415 -18.19 -24.51 56.70
CA VAL D 415 -18.03 -25.77 57.43
C VAL D 415 -19.02 -25.84 58.59
N PHE D 416 -19.27 -24.71 59.27
CA PHE D 416 -20.21 -24.71 60.37
C PHE D 416 -21.59 -25.14 59.87
N LYS D 417 -22.08 -24.48 58.82
CA LYS D 417 -23.37 -24.84 58.25
C LYS D 417 -23.38 -26.27 57.73
N LEU D 418 -22.27 -26.75 57.18
CA LEU D 418 -22.21 -28.12 56.69
C LEU D 418 -22.40 -29.11 57.82
N LEU D 419 -21.76 -28.86 58.96
CA LEU D 419 -21.89 -29.74 60.12
C LEU D 419 -22.46 -28.95 61.29
N ALA D 420 -23.78 -28.79 61.29
CA ALA D 420 -24.54 -28.20 62.38
C ALA D 420 -26.02 -28.38 62.05
N GLY D 421 -26.89 -27.82 62.90
CA GLY D 421 -28.31 -27.85 62.64
C GLY D 421 -28.75 -27.02 61.44
N ARG D 422 -28.24 -25.80 61.32
CA ARG D 422 -28.72 -24.89 60.30
C ARG D 422 -27.72 -23.75 60.14
N TRP D 423 -28.12 -22.74 59.36
CA TRP D 423 -27.31 -21.55 59.19
C TRP D 423 -27.08 -20.85 60.53
N PRO D 424 -25.87 -20.34 60.77
CA PRO D 424 -25.62 -19.63 62.03
C PRO D 424 -26.45 -18.37 62.14
N PHE D 425 -26.86 -18.06 63.37
CA PHE D 425 -27.60 -16.83 63.67
C PHE D 425 -28.85 -16.71 62.80
N ASP D 426 -29.77 -17.65 63.04
CA ASP D 426 -30.98 -17.73 62.22
C ASP D 426 -31.81 -16.46 62.34
N HIS D 427 -31.95 -15.93 63.55
CA HIS D 427 -32.81 -14.77 63.81
C HIS D 427 -31.92 -13.61 64.23
N ASN D 428 -31.43 -12.86 63.25
CA ASN D 428 -30.62 -11.67 63.50
C ASN D 428 -30.73 -10.74 62.31
N ASP D 429 -30.65 -9.44 62.58
CA ASP D 429 -30.65 -8.46 61.51
C ASP D 429 -29.43 -8.63 60.61
N PHE D 430 -28.24 -8.68 61.21
CA PHE D 430 -27.03 -8.95 60.44
C PHE D 430 -26.84 -10.44 60.16
N GLY D 431 -27.60 -11.30 60.84
CA GLY D 431 -27.51 -12.72 60.56
C GLY D 431 -27.98 -13.05 59.15
N VAL D 432 -29.05 -12.39 58.70
CA VAL D 432 -29.51 -12.60 57.33
C VAL D 432 -28.52 -12.02 56.33
N PHE D 433 -27.66 -11.09 56.76
CA PHE D 433 -26.67 -10.53 55.86
C PHE D 433 -25.61 -11.56 55.49
N LEU D 434 -25.45 -12.61 56.29
CA LEU D 434 -24.47 -13.64 55.96
C LEU D 434 -24.85 -14.34 54.65
N CYS D 435 -26.13 -14.63 54.46
CA CYS D 435 -26.56 -15.26 53.23
C CYS D 435 -26.46 -14.33 52.03
N LYS D 436 -26.48 -13.01 52.26
CA LYS D 436 -26.21 -12.07 51.19
C LYS D 436 -24.72 -12.04 50.86
N LEU D 437 -23.87 -12.07 51.88
CA LEU D 437 -22.43 -11.95 51.68
C LEU D 437 -21.81 -13.22 51.12
N PHE D 438 -22.43 -14.38 51.39
CA PHE D 438 -21.83 -15.65 50.99
C PHE D 438 -21.61 -15.78 49.49
N PRO D 439 -22.60 -15.53 48.61
CA PRO D 439 -22.35 -15.74 47.17
C PRO D 439 -21.57 -14.60 46.53
N PHE D 440 -21.80 -13.39 47.05
CA PHE D 440 -21.14 -12.19 46.50
C PHE D 440 -19.63 -12.35 46.50
N LEU D 441 -19.07 -12.78 47.63
CA LEU D 441 -17.62 -12.86 47.75
C LEU D 441 -17.05 -13.89 46.77
N GLN D 442 -17.70 -15.04 46.64
CA GLN D 442 -17.19 -16.06 45.72
C GLN D 442 -17.23 -15.58 44.28
N LYS D 443 -18.34 -14.96 43.88
CA LYS D 443 -18.44 -14.51 42.49
C LYS D 443 -17.40 -13.43 42.21
N SER D 444 -17.20 -12.51 43.17
CA SER D 444 -16.19 -11.48 42.99
C SER D 444 -14.80 -12.10 42.88
N SER D 445 -14.51 -13.11 43.71
CA SER D 445 -13.21 -13.76 43.64
C SER D 445 -12.97 -14.39 42.27
N VAL D 446 -13.95 -15.12 41.77
CA VAL D 446 -13.75 -15.80 40.48
C VAL D 446 -13.60 -14.78 39.36
N GLY D 447 -14.41 -13.72 39.38
CA GLY D 447 -14.27 -12.68 38.38
C GLY D 447 -12.91 -12.01 38.42
N ILE D 448 -12.42 -11.70 39.62
CA ILE D 448 -11.10 -11.11 39.77
C ILE D 448 -10.03 -12.01 39.18
N THR D 449 -10.11 -13.31 39.49
CA THR D 449 -9.10 -14.24 38.99
C THR D 449 -9.11 -14.30 37.46
N VAL D 450 -10.29 -14.43 36.87
CA VAL D 450 -10.38 -14.55 35.41
C VAL D 450 -9.86 -13.28 34.74
N LEU D 451 -10.29 -12.12 35.24
CA LEU D 451 -9.86 -10.86 34.61
C LEU D 451 -8.36 -10.64 34.79
N ASN D 452 -7.81 -11.01 35.94
CA ASN D 452 -6.37 -10.87 36.14
C ASN D 452 -5.59 -11.77 35.19
N LEU D 453 -6.06 -13.00 34.97
CA LEU D 453 -5.39 -13.86 33.99
C LEU D 453 -5.47 -13.27 32.58
N CYS D 454 -6.63 -12.70 32.22
CA CYS D 454 -6.75 -12.09 30.90
C CYS D 454 -5.80 -10.90 30.75
N ALA D 455 -5.68 -10.08 31.80
CA ALA D 455 -4.77 -8.94 31.76
C ALA D 455 -3.32 -9.41 31.65
N LEU D 456 -2.97 -10.50 32.36
CA LEU D 456 -1.64 -11.05 32.23
C LEU D 456 -1.35 -11.49 30.80
N SER D 457 -2.31 -12.16 30.16
CA SER D 457 -2.12 -12.55 28.76
C SER D 457 -1.95 -11.32 27.88
N VAL D 458 -2.75 -10.29 28.11
CA VAL D 458 -2.69 -9.08 27.27
C VAL D 458 -1.31 -8.43 27.38
N ASP D 459 -0.85 -8.20 28.60
CA ASP D 459 0.43 -7.50 28.74
C ASP D 459 1.60 -8.39 28.35
N ARG D 460 1.46 -9.71 28.50
CA ARG D 460 2.52 -10.60 28.05
C ARG D 460 2.68 -10.53 26.53
N TYR D 461 1.56 -10.48 25.80
CA TYR D 461 1.67 -10.29 24.36
C TYR D 461 2.22 -8.91 24.02
N ARG D 462 1.79 -7.87 24.75
CA ARG D 462 2.23 -6.52 24.44
C ARG D 462 3.74 -6.36 24.62
N ALA D 463 4.29 -6.94 25.70
CA ALA D 463 5.69 -6.69 26.01
C ALA D 463 6.63 -7.36 25.01
N VAL D 464 6.25 -8.52 24.47
CA VAL D 464 7.10 -9.21 23.51
C VAL D 464 7.25 -8.40 22.24
N ALA D 465 6.15 -7.78 21.78
CA ALA D 465 6.22 -6.97 20.57
C ALA D 465 7.16 -5.79 20.75
N SER D 466 7.10 -5.12 21.90
CA SER D 466 8.00 -4.00 22.21
C SER D 466 9.25 -4.58 22.86
N TRP D 467 10.13 -5.12 22.02
CA TRP D 467 11.34 -5.80 22.47
C TRP D 467 12.41 -4.77 22.77
N SER D 468 12.68 -4.55 24.06
CA SER D 468 13.68 -3.60 24.53
C SER D 468 13.45 -2.20 23.96
N GLY D 474 7.68 -0.98 41.74
CA GLY D 474 7.84 -0.67 40.33
C GLY D 474 6.55 -0.74 39.56
N ILE D 475 5.43 -0.62 40.27
CA ILE D 475 4.11 -0.66 39.65
C ILE D 475 3.87 0.64 38.87
N PRO D 476 3.63 0.56 37.57
CA PRO D 476 3.31 1.78 36.81
C PRO D 476 1.87 2.22 37.06
N LEU D 477 1.56 3.42 36.57
CA LEU D 477 0.23 3.98 36.73
C LEU D 477 -0.81 3.12 36.00
N VAL D 478 -0.47 2.64 34.79
CA VAL D 478 -1.41 1.85 34.01
C VAL D 478 -1.77 0.56 34.73
N THR D 479 -0.76 -0.10 35.31
CA THR D 479 -1.02 -1.35 36.02
C THR D 479 -1.93 -1.14 37.23
N ALA D 480 -1.68 -0.09 38.01
CA ALA D 480 -2.55 0.20 39.16
C ALA D 480 -3.96 0.54 38.71
N ILE D 481 -4.10 1.31 37.63
CA ILE D 481 -5.42 1.66 37.12
C ILE D 481 -6.18 0.41 36.70
N GLU D 482 -5.51 -0.49 35.97
CA GLU D 482 -6.14 -1.72 35.53
C GLU D 482 -6.54 -2.59 36.72
N ILE D 483 -5.66 -2.66 37.73
CA ILE D 483 -5.96 -3.47 38.92
C ILE D 483 -7.21 -2.95 39.61
N VAL D 484 -7.29 -1.63 39.82
CA VAL D 484 -8.44 -1.07 40.51
C VAL D 484 -9.71 -1.23 39.67
N SER D 485 -9.58 -1.06 38.35
CA SER D 485 -10.75 -1.22 37.48
C SER D 485 -11.29 -2.63 37.53
N ILE D 486 -10.40 -3.64 37.50
CA ILE D 486 -10.84 -5.02 37.59
C ILE D 486 -11.50 -5.28 38.94
N TRP D 487 -10.89 -4.76 40.02
CA TRP D 487 -11.47 -4.95 41.34
C TRP D 487 -12.89 -4.39 41.42
N ILE D 488 -13.11 -3.21 40.85
CA ILE D 488 -14.45 -2.61 40.90
C ILE D 488 -15.42 -3.39 40.01
N LEU D 489 -14.98 -3.77 38.80
CA LEU D 489 -15.87 -4.43 37.86
C LEU D 489 -16.33 -5.79 38.37
N SER D 490 -15.47 -6.51 39.10
CA SER D 490 -15.89 -7.80 39.64
C SER D 490 -17.06 -7.65 40.61
N PHE D 491 -16.96 -6.71 41.54
CA PHE D 491 -18.06 -6.47 42.47
C PHE D 491 -19.31 -6.01 41.74
N ILE D 492 -19.15 -5.11 40.76
CA ILE D 492 -20.31 -4.59 40.03
C ILE D 492 -21.04 -5.73 39.32
N LEU D 493 -20.29 -6.64 38.71
CA LEU D 493 -20.91 -7.75 38.00
C LEU D 493 -21.47 -8.82 38.95
N ALA D 494 -20.93 -8.91 40.17
CA ALA D 494 -21.37 -9.94 41.09
C ALA D 494 -22.50 -9.49 42.02
N ILE D 495 -22.88 -8.22 42.01
CA ILE D 495 -23.97 -7.74 42.87
C ILE D 495 -25.26 -8.54 42.68
N PRO D 496 -25.65 -8.90 41.43
CA PRO D 496 -26.81 -9.77 41.21
C PRO D 496 -26.98 -10.92 42.21
N GLU D 497 -25.89 -11.61 42.55
CA GLU D 497 -26.00 -12.71 43.51
C GLU D 497 -26.30 -12.21 44.91
N ALA D 498 -25.83 -11.00 45.25
CA ALA D 498 -26.07 -10.46 46.58
C ALA D 498 -27.42 -9.79 46.72
N ILE D 499 -28.10 -9.50 45.60
CA ILE D 499 -29.41 -8.86 45.70
C ILE D 499 -30.55 -9.88 45.75
N GLY D 500 -30.34 -11.10 45.24
CA GLY D 500 -31.44 -12.04 45.09
C GLY D 500 -31.46 -13.24 46.01
N PHE D 501 -30.75 -13.18 47.14
CA PHE D 501 -30.72 -14.27 48.10
C PHE D 501 -31.55 -13.90 49.32
N VAL D 502 -32.47 -14.79 49.70
CA VAL D 502 -33.39 -14.52 50.79
C VAL D 502 -33.65 -15.81 51.56
N MET D 503 -34.09 -15.66 52.81
CA MET D 503 -34.40 -16.79 53.68
C MET D 503 -35.88 -17.13 53.64
N VAL D 504 -36.19 -18.41 53.78
CA VAL D 504 -37.55 -18.92 53.68
C VAL D 504 -37.85 -19.77 54.91
N PRO D 505 -39.11 -19.95 55.29
CA PRO D 505 -39.43 -20.71 56.51
C PRO D 505 -39.50 -22.20 56.26
N PHE D 506 -39.23 -22.96 57.32
CA PHE D 506 -39.33 -24.41 57.26
C PHE D 506 -39.56 -24.95 58.67
N GLU D 507 -39.99 -26.21 58.73
CA GLU D 507 -40.58 -26.75 59.95
C GLU D 507 -39.88 -28.01 60.45
N TYR D 508 -38.56 -27.99 60.54
CA TYR D 508 -37.86 -29.13 61.13
C TYR D 508 -38.10 -29.18 62.63
N ARG D 509 -38.59 -30.32 63.10
CA ARG D 509 -38.95 -30.53 64.51
C ARG D 509 -39.99 -29.52 64.97
N GLY D 510 -40.85 -29.07 64.06
CA GLY D 510 -41.93 -28.17 64.39
C GLY D 510 -41.56 -26.71 64.54
N GLU D 511 -40.31 -26.34 64.28
CA GLU D 511 -39.89 -24.96 64.44
C GLU D 511 -40.26 -24.14 63.21
N GLN D 512 -40.14 -22.82 63.35
CA GLN D 512 -40.37 -21.88 62.26
C GLN D 512 -39.07 -21.42 61.64
N HIS D 513 -38.09 -22.32 61.54
CA HIS D 513 -36.72 -21.95 61.27
C HIS D 513 -36.55 -21.38 59.86
N LYS D 514 -35.36 -20.85 59.59
CA LYS D 514 -35.05 -20.12 58.38
C LYS D 514 -33.99 -20.87 57.58
N THR D 515 -34.11 -20.85 56.26
CA THR D 515 -33.04 -21.34 55.41
C THR D 515 -32.99 -20.50 54.14
N CYS D 516 -31.81 -20.04 53.76
CA CYS D 516 -31.67 -19.04 52.71
C CYS D 516 -31.43 -19.72 51.37
N MET D 517 -32.41 -19.62 50.49
CA MET D 517 -32.40 -20.21 49.15
C MET D 517 -32.52 -19.08 48.11
N LEU D 518 -32.70 -19.48 46.86
CA LEU D 518 -32.88 -18.54 45.77
C LEU D 518 -34.37 -18.43 45.46
N ASN D 519 -35.06 -17.62 46.26
CA ASN D 519 -36.48 -17.33 46.04
C ASN D 519 -36.57 -15.97 45.35
N ALA D 520 -36.63 -15.98 44.03
CA ALA D 520 -36.65 -14.74 43.27
C ALA D 520 -37.91 -13.94 43.55
N THR D 521 -37.75 -12.62 43.66
CA THR D 521 -38.86 -11.72 43.95
C THR D 521 -39.17 -10.78 42.79
N SER D 522 -38.19 -10.02 42.31
CA SER D 522 -38.41 -9.11 41.21
C SER D 522 -38.33 -9.85 39.88
N LYS D 523 -39.02 -9.30 38.87
CA LYS D 523 -39.09 -9.95 37.57
C LYS D 523 -37.70 -10.20 36.99
N PHE D 524 -36.77 -9.28 37.23
CA PHE D 524 -35.40 -9.49 36.78
C PHE D 524 -34.79 -10.70 37.46
N MET D 525 -35.14 -10.93 38.72
CA MET D 525 -34.61 -12.10 39.43
C MET D 525 -35.13 -13.40 38.82
N GLU D 526 -36.42 -13.44 38.47
CA GLU D 526 -36.94 -14.62 37.78
C GLU D 526 -36.27 -14.79 36.42
N PHE D 527 -36.03 -13.69 35.70
CA PHE D 527 -35.36 -13.81 34.41
C PHE D 527 -33.96 -14.37 34.56
N TYR D 528 -33.23 -13.91 35.59
CA TYR D 528 -31.90 -14.43 35.85
C TYR D 528 -31.94 -15.91 36.22
N GLN D 529 -32.88 -16.30 37.08
CA GLN D 529 -32.97 -17.69 37.50
C GLN D 529 -33.32 -18.59 36.31
N ASP D 530 -34.15 -18.10 35.39
CA ASP D 530 -34.54 -18.91 34.24
C ASP D 530 -33.34 -19.28 33.40
N VAL D 531 -32.46 -18.32 33.11
CA VAL D 531 -31.21 -18.63 32.43
C VAL D 531 -30.06 -17.89 33.13
N LYS D 532 -29.24 -18.66 33.86
CA LYS D 532 -28.00 -18.18 34.42
C LYS D 532 -26.84 -19.15 34.24
N ASP D 533 -27.12 -20.45 34.07
CA ASP D 533 -26.03 -21.41 33.93
C ASP D 533 -25.25 -21.19 32.65
N TRP D 534 -25.95 -20.89 31.55
CA TRP D 534 -25.25 -20.62 30.30
C TRP D 534 -24.41 -19.35 30.39
N TRP D 535 -24.94 -18.32 31.04
CA TRP D 535 -24.17 -17.08 31.18
C TRP D 535 -22.92 -17.32 32.02
N LEU D 536 -23.05 -18.07 33.11
CA LEU D 536 -21.89 -18.42 33.92
C LEU D 536 -20.87 -19.20 33.10
N PHE D 537 -21.33 -20.21 32.36
CA PHE D 537 -20.41 -21.03 31.58
C PHE D 537 -19.65 -20.17 30.57
N GLY D 538 -20.38 -19.35 29.82
CA GLY D 538 -19.72 -18.52 28.81
C GLY D 538 -18.76 -17.53 29.42
N PHE D 539 -19.18 -16.81 30.48
CA PHE D 539 -18.36 -15.73 30.98
C PHE D 539 -17.14 -16.25 31.74
N TYR D 540 -17.33 -17.24 32.60
CA TYR D 540 -16.24 -17.68 33.45
C TYR D 540 -15.56 -18.95 32.96
N PHE D 541 -15.89 -19.44 31.76
CA PHE D 541 -15.13 -20.56 31.22
C PHE D 541 -14.74 -20.39 29.76
N CYS D 542 -15.50 -19.61 29.00
CA CYS D 542 -15.23 -19.47 27.57
C CYS D 542 -14.22 -18.37 27.27
N MET D 543 -14.56 -17.12 27.62
CA MET D 543 -13.68 -16.01 27.25
C MET D 543 -12.29 -16.12 27.87
N PRO D 544 -12.10 -16.52 29.13
CA PRO D 544 -10.73 -16.74 29.61
C PRO D 544 -10.02 -17.87 28.90
N LEU D 545 -10.74 -18.76 28.22
CA LEU D 545 -10.14 -19.84 27.47
C LEU D 545 -10.16 -19.60 25.97
N VAL D 546 -10.45 -18.37 25.53
CA VAL D 546 -10.49 -18.04 24.11
C VAL D 546 -9.51 -16.92 23.81
N CYS D 547 -9.63 -15.81 24.55
CA CYS D 547 -8.73 -14.67 24.34
C CYS D 547 -7.29 -15.06 24.64
N THR D 548 -7.09 -15.84 25.71
CA THR D 548 -5.74 -16.26 26.08
C THR D 548 -5.11 -17.12 24.99
N ALA D 549 -5.87 -18.03 24.40
CA ALA D 549 -5.33 -18.87 23.33
C ALA D 549 -4.94 -18.02 22.13
N ILE D 550 -5.78 -17.06 21.76
CA ILE D 550 -5.50 -16.20 20.63
C ILE D 550 -4.23 -15.39 20.88
N PHE D 551 -4.10 -14.81 22.07
CA PHE D 551 -2.94 -13.98 22.37
C PHE D 551 -1.68 -14.83 22.50
N TYR D 552 -1.80 -16.05 22.99
CA TYR D 552 -0.65 -16.96 23.03
C TYR D 552 -0.18 -17.28 21.62
N THR D 553 -1.11 -17.54 20.71
CA THR D 553 -0.71 -17.84 19.34
C THR D 553 -0.03 -16.64 18.71
N LEU D 554 -0.57 -15.45 18.90
CA LEU D 554 0.05 -14.26 18.35
C LEU D 554 1.50 -14.15 18.82
N MET D 555 1.75 -14.36 20.11
CA MET D 555 3.10 -14.27 20.64
C MET D 555 3.98 -15.31 20.02
N THR D 556 3.53 -16.55 20.04
CA THR D 556 4.36 -17.62 19.53
C THR D 556 4.79 -17.31 18.11
N CYS D 557 3.91 -16.65 17.34
CA CYS D 557 4.24 -16.32 15.96
C CYS D 557 5.27 -15.20 15.85
N GLU D 558 5.05 -14.10 16.57
CA GLU D 558 5.97 -12.96 16.48
C GLU D 558 7.36 -13.31 16.98
N ALA D 559 7.44 -14.05 18.08
CA ALA D 559 8.73 -14.30 18.67
C ALA D 559 9.58 -15.05 17.68
N ARG D 560 8.98 -15.99 16.95
CA ARG D 560 9.73 -16.71 15.93
C ARG D 560 10.19 -15.72 14.87
N ARG D 561 9.36 -14.75 14.53
CA ARG D 561 9.72 -13.73 13.54
C ARG D 561 10.78 -12.72 14.02
N GLN D 562 10.61 -12.17 15.21
CA GLN D 562 11.57 -11.20 15.73
C GLN D 562 12.91 -11.85 15.96
N LEU D 563 13.00 -13.17 15.81
CA LEU D 563 14.28 -13.83 15.95
C LEU D 563 14.65 -14.57 14.68
N ALA D 564 13.70 -14.76 13.79
CA ALA D 564 14.02 -15.41 12.52
C ALA D 564 14.90 -14.51 11.71
N ASP D 565 14.65 -13.22 11.77
CA ASP D 565 15.42 -12.25 10.99
C ASP D 565 16.83 -12.05 11.50
N LEU D 566 16.97 -11.76 12.78
CA LEU D 566 18.27 -11.48 13.37
C LEU D 566 19.29 -12.54 12.98
N GLU D 567 18.90 -13.81 13.05
CA GLU D 567 19.80 -14.88 12.67
C GLU D 567 20.18 -14.78 11.20
N ASP D 568 19.21 -14.46 10.35
CA ASP D 568 19.49 -14.30 8.92
C ASP D 568 20.46 -13.16 8.66
N ASN D 569 20.28 -12.03 9.35
CA ASN D 569 21.19 -10.91 9.15
C ASN D 569 22.61 -11.28 9.58
N TRP D 570 22.76 -11.90 10.74
CA TRP D 570 24.08 -12.31 11.20
C TRP D 570 24.73 -13.28 10.20
N GLU D 571 23.92 -14.24 9.72
CA GLU D 571 24.42 -15.22 8.77
C GLU D 571 24.89 -14.57 7.48
N THR D 572 24.13 -13.58 6.98
CA THR D 572 24.50 -12.96 5.72
C THR D 572 25.76 -12.12 5.89
N LEU D 573 25.92 -11.44 7.03
CA LEU D 573 27.19 -10.74 7.26
C LEU D 573 28.36 -11.72 7.24
N ASN D 574 28.23 -12.84 7.95
CA ASN D 574 29.35 -13.77 8.03
C ASN D 574 29.67 -14.39 6.68
N ASP D 575 28.65 -14.81 5.93
CA ASP D 575 28.93 -15.45 4.64
C ASP D 575 29.46 -14.45 3.62
N ASN D 576 29.03 -13.19 3.70
CA ASN D 576 29.62 -12.18 2.83
C ASN D 576 31.07 -11.91 3.19
N LEU D 577 31.40 -11.95 4.49
CA LEU D 577 32.80 -11.89 4.89
C LEU D 577 33.60 -13.02 4.26
N LYS D 578 33.04 -14.23 4.31
CA LYS D 578 33.71 -15.38 3.70
C LYS D 578 33.85 -15.22 2.19
N VAL D 579 32.89 -14.59 1.52
CA VAL D 579 32.99 -14.36 0.09
C VAL D 579 34.10 -13.36 -0.22
N ILE D 580 34.13 -12.23 0.50
CA ILE D 580 35.12 -11.19 0.23
C ILE D 580 36.52 -11.65 0.58
N GLU D 581 36.66 -12.54 1.57
CA GLU D 581 37.98 -13.05 1.93
C GLU D 581 38.63 -13.82 0.79
N LYS D 582 37.85 -14.26 -0.20
CA LYS D 582 38.37 -14.99 -1.35
C LYS D 582 37.91 -14.39 -2.68
N ALA D 583 37.51 -13.12 -2.69
CA ALA D 583 37.03 -12.50 -3.92
C ALA D 583 38.19 -12.24 -4.86
N ASP D 584 38.08 -12.78 -6.08
CA ASP D 584 39.18 -12.63 -7.04
C ASP D 584 39.22 -11.23 -7.64
N ASN D 585 38.07 -10.67 -7.98
CA ASN D 585 37.99 -9.39 -8.67
C ASN D 585 37.12 -8.42 -7.89
N ALA D 586 37.12 -7.16 -8.34
CA ALA D 586 36.36 -6.11 -7.67
C ALA D 586 34.86 -6.29 -7.81
N ALA D 587 34.40 -6.99 -8.85
CA ALA D 587 32.97 -7.20 -9.02
C ALA D 587 32.39 -8.00 -7.86
N GLN D 588 33.07 -9.08 -7.47
CA GLN D 588 32.61 -9.86 -6.32
C GLN D 588 32.66 -9.05 -5.04
N VAL D 589 33.68 -8.23 -4.88
CA VAL D 589 33.79 -7.38 -3.70
C VAL D 589 32.60 -6.44 -3.60
N LYS D 590 32.27 -5.78 -4.72
CA LYS D 590 31.12 -4.89 -4.72
C LYS D 590 29.83 -5.65 -4.47
N ASP D 591 29.68 -6.82 -5.09
CA ASP D 591 28.45 -7.59 -4.92
C ASP D 591 28.24 -7.99 -3.47
N ALA D 592 29.30 -8.43 -2.79
CA ALA D 592 29.15 -8.85 -1.41
C ALA D 592 29.03 -7.66 -0.47
N LEU D 593 29.72 -6.55 -0.78
CA LEU D 593 29.64 -5.38 0.09
C LEU D 593 28.26 -4.74 0.03
N THR D 594 27.57 -4.82 -1.11
CA THR D 594 26.20 -4.33 -1.18
C THR D 594 25.30 -5.08 -0.21
N LYS D 595 25.43 -6.41 -0.18
CA LYS D 595 24.66 -7.21 0.76
C LYS D 595 25.04 -6.89 2.21
N MET D 596 26.33 -6.70 2.47
CA MET D 596 26.77 -6.35 3.81
C MET D 596 26.14 -5.04 4.26
N ARG D 597 26.14 -4.04 3.38
CA ARG D 597 25.58 -2.73 3.73
C ARG D 597 24.08 -2.82 3.98
N ALA D 598 23.36 -3.56 3.12
CA ALA D 598 21.94 -3.73 3.34
C ALA D 598 21.67 -4.41 4.67
N ALA D 599 22.45 -5.45 4.99
CA ALA D 599 22.27 -6.16 6.25
C ALA D 599 22.55 -5.26 7.45
N ALA D 600 23.62 -4.47 7.38
CA ALA D 600 23.96 -3.57 8.49
C ALA D 600 22.86 -2.54 8.72
N LEU D 601 22.36 -1.95 7.62
CA LEU D 601 21.28 -0.97 7.76
C LEU D 601 20.02 -1.60 8.31
N ASP D 602 19.71 -2.82 7.88
CA ASP D 602 18.52 -3.51 8.40
C ASP D 602 18.66 -3.83 9.87
N ALA D 603 19.85 -4.28 10.30
CA ALA D 603 20.03 -4.69 11.68
C ALA D 603 20.11 -3.51 12.62
N GLN D 604 20.60 -2.36 12.15
CA GLN D 604 20.70 -1.20 13.02
C GLN D 604 19.34 -0.76 13.53
N LYS D 605 18.30 -0.91 12.71
CA LYS D 605 16.95 -0.51 13.13
C LYS D 605 16.46 -1.37 14.28
N ALA D 606 16.75 -2.67 14.26
CA ALA D 606 16.30 -3.56 15.33
C ALA D 606 16.98 -3.25 16.65
N THR D 607 18.18 -2.68 16.61
CA THR D 607 18.92 -2.38 17.83
C THR D 607 18.27 -1.23 18.58
N PRO D 608 17.89 -1.42 19.84
CA PRO D 608 17.30 -0.32 20.61
C PRO D 608 18.38 0.61 21.14
N PRO D 609 18.06 1.90 21.35
CA PRO D 609 19.03 2.87 21.90
C PRO D 609 19.48 2.52 23.31
N ASP D 623 25.51 3.40 22.29
CA ASP D 623 26.57 2.40 22.41
C ASP D 623 26.60 1.48 21.20
N PHE D 624 25.59 0.62 21.09
CA PHE D 624 25.51 -0.30 19.96
C PHE D 624 25.26 0.45 18.65
N ARG D 625 24.47 1.53 18.70
CA ARG D 625 24.20 2.30 17.50
C ARG D 625 25.46 2.92 16.93
N HIS D 626 26.34 3.40 17.82
CA HIS D 626 27.62 3.94 17.35
C HIS D 626 28.45 2.87 16.67
N GLY D 627 28.45 1.64 17.21
CA GLY D 627 29.17 0.57 16.56
C GLY D 627 28.62 0.22 15.20
N PHE D 628 27.29 0.21 15.07
CA PHE D 628 26.71 -0.05 13.75
C PHE D 628 27.05 1.05 12.75
N ASP D 629 27.06 2.31 13.21
CA ASP D 629 27.49 3.40 12.34
C ASP D 629 28.94 3.23 11.91
N ILE D 630 29.80 2.80 12.83
CA ILE D 630 31.20 2.57 12.49
C ILE D 630 31.33 1.47 11.44
N LEU D 631 30.58 0.38 11.63
CA LEU D 631 30.62 -0.71 10.65
C LEU D 631 30.16 -0.25 9.28
N VAL D 632 29.09 0.54 9.23
CA VAL D 632 28.61 1.04 7.94
C VAL D 632 29.65 1.94 7.29
N GLY D 633 30.28 2.81 8.08
CA GLY D 633 31.31 3.67 7.53
C GLY D 633 32.49 2.89 6.98
N GLN D 634 32.90 1.82 7.69
CA GLN D 634 34.02 1.02 7.22
C GLN D 634 33.65 0.24 5.96
N ILE D 635 32.42 -0.24 5.87
CA ILE D 635 31.97 -0.89 4.64
C ILE D 635 31.98 0.09 3.48
N ASP D 636 31.55 1.33 3.72
CA ASP D 636 31.60 2.35 2.69
C ASP D 636 33.04 2.64 2.27
N ASP D 637 33.96 2.67 3.22
CA ASP D 637 35.37 2.88 2.89
C ASP D 637 35.91 1.75 2.02
N ALA D 638 35.57 0.51 2.36
CA ALA D 638 35.99 -0.63 1.55
C ALA D 638 35.40 -0.55 0.15
N LEU D 639 34.13 -0.17 0.04
CA LEU D 639 33.49 -0.05 -1.27
C LEU D 639 34.16 1.04 -2.10
N LYS D 640 34.48 2.17 -1.48
CA LYS D 640 35.14 3.25 -2.20
C LYS D 640 36.53 2.81 -2.68
N LEU D 641 37.26 2.08 -1.84
CA LEU D 641 38.55 1.55 -2.27
C LEU D 641 38.38 0.58 -3.43
N ALA D 642 37.36 -0.27 -3.38
CA ALA D 642 37.14 -1.25 -4.45
C ALA D 642 36.71 -0.60 -5.75
N ASN D 643 36.03 0.55 -5.66
CA ASN D 643 35.57 1.23 -6.87
C ASN D 643 36.73 1.66 -7.76
N GLU D 644 37.81 2.16 -7.15
CA GLU D 644 38.97 2.62 -7.91
C GLU D 644 39.74 1.46 -8.54
N GLY D 645 39.44 0.22 -8.17
CA GLY D 645 40.13 -0.93 -8.72
C GLY D 645 41.21 -1.52 -7.84
N LYS D 646 41.46 -0.94 -6.68
CA LYS D 646 42.48 -1.44 -5.76
C LYS D 646 41.88 -2.64 -5.01
N VAL D 647 42.09 -3.83 -5.56
CA VAL D 647 41.51 -5.03 -4.97
C VAL D 647 42.14 -5.32 -3.61
N LYS D 648 43.48 -5.20 -3.52
CA LYS D 648 44.17 -5.51 -2.27
C LYS D 648 43.74 -4.57 -1.15
N GLU D 649 43.58 -3.28 -1.46
CA GLU D 649 43.12 -2.33 -0.44
C GLU D 649 41.71 -2.66 0.02
N ALA D 650 40.84 -3.09 -0.90
CA ALA D 650 39.50 -3.49 -0.53
C ALA D 650 39.50 -4.71 0.38
N GLN D 651 40.34 -5.70 0.05
CA GLN D 651 40.44 -6.88 0.90
C GLN D 651 40.96 -6.53 2.29
N ALA D 652 41.95 -5.64 2.35
CA ALA D 652 42.48 -5.21 3.65
C ALA D 652 41.41 -4.48 4.47
N ALA D 653 40.65 -3.59 3.81
CA ALA D 653 39.60 -2.86 4.51
C ALA D 653 38.53 -3.82 5.04
N ALA D 654 38.17 -4.82 4.24
CA ALA D 654 37.21 -5.81 4.71
C ALA D 654 37.77 -6.60 5.89
N GLU D 655 39.07 -6.94 5.83
CA GLU D 655 39.69 -7.67 6.93
C GLU D 655 39.72 -6.84 8.21
N GLN D 656 39.77 -5.51 8.08
CA GLN D 656 39.77 -4.64 9.24
C GLN D 656 38.49 -4.71 10.06
N LEU D 657 37.42 -5.30 9.53
CA LEU D 657 36.13 -5.34 10.23
C LEU D 657 36.12 -6.28 11.41
N LYS D 658 37.17 -7.10 11.59
CA LYS D 658 37.22 -8.01 12.73
C LYS D 658 37.20 -7.24 14.05
N THR D 659 37.88 -6.09 14.10
CA THR D 659 37.91 -5.30 15.32
C THR D 659 36.51 -4.85 15.73
N THR D 660 35.71 -4.38 14.76
CA THR D 660 34.38 -3.90 15.08
C THR D 660 33.42 -5.06 15.37
N ARG D 661 33.53 -6.15 14.62
CA ARG D 661 32.56 -7.24 14.76
C ARG D 661 32.62 -7.87 16.16
N ASN D 662 33.83 -8.12 16.66
CA ASN D 662 34.00 -8.79 17.95
C ASN D 662 34.18 -7.82 19.11
N ALA D 663 33.69 -6.59 18.98
CA ALA D 663 33.71 -5.63 20.07
C ALA D 663 32.36 -5.00 20.37
N TYR D 664 31.52 -4.81 19.36
CA TYR D 664 30.20 -4.22 19.55
C TYR D 664 29.07 -5.16 19.17
N ILE D 665 29.19 -5.84 18.03
CA ILE D 665 28.09 -6.64 17.52
C ILE D 665 27.89 -7.90 18.37
N GLN D 666 28.97 -8.53 18.81
CA GLN D 666 28.86 -9.80 19.53
C GLN D 666 28.10 -9.64 20.83
N LYS D 667 28.45 -8.62 21.62
CA LYS D 667 27.75 -8.39 22.87
C LYS D 667 26.30 -8.02 22.64
N TYR D 668 26.02 -7.24 21.58
CA TYR D 668 24.65 -6.86 21.29
C TYR D 668 23.80 -8.09 20.97
N LEU D 669 24.33 -8.98 20.11
CA LEU D 669 23.60 -10.21 19.79
C LEU D 669 23.41 -11.08 21.03
N GLU D 670 24.45 -11.20 21.86
CA GLU D 670 24.35 -12.02 23.07
C GLU D 670 23.26 -11.48 24.00
N ARG D 671 23.25 -10.19 24.27
CA ARG D 671 22.29 -9.67 25.23
C ARG D 671 20.88 -9.77 24.69
N ALA D 672 20.69 -9.40 23.44
CA ALA D 672 19.39 -9.48 22.83
C ALA D 672 18.81 -10.88 22.97
N ARG D 673 19.56 -11.89 22.56
CA ARG D 673 19.07 -13.25 22.63
C ARG D 673 18.71 -13.64 24.03
N SER D 674 19.67 -13.51 24.94
CA SER D 674 19.43 -13.93 26.31
C SER D 674 18.31 -13.13 26.96
N THR D 675 18.09 -11.91 26.52
CA THR D 675 16.98 -11.14 27.04
C THR D 675 15.68 -11.83 26.69
N LEU D 676 15.58 -12.30 25.45
CA LEU D 676 14.37 -12.97 25.02
C LEU D 676 14.19 -14.32 25.70
N LYS D 677 15.26 -14.88 26.23
CA LYS D 677 15.13 -16.07 27.06
C LYS D 677 14.30 -15.78 28.30
N GLN D 678 14.56 -14.67 28.95
CA GLN D 678 13.82 -14.32 30.16
C GLN D 678 12.39 -13.97 29.86
N ARG D 679 12.15 -13.24 28.80
CA ARG D 679 10.79 -12.80 28.51
C ARG D 679 9.86 -14.01 28.43
N ARG D 680 10.31 -15.08 27.77
CA ARG D 680 9.51 -16.29 27.67
C ARG D 680 9.32 -17.01 29.00
N GLU D 681 10.33 -16.98 29.87
CA GLU D 681 10.22 -17.63 31.18
C GLU D 681 9.02 -17.10 31.95
N VAL D 682 8.85 -15.80 31.97
CA VAL D 682 7.68 -15.26 32.61
C VAL D 682 6.44 -15.73 31.88
N ALA D 683 6.45 -15.75 30.55
CA ALA D 683 5.23 -16.11 29.83
C ALA D 683 4.76 -17.50 30.21
N LYS D 684 5.69 -18.45 30.34
CA LYS D 684 5.33 -19.80 30.75
C LYS D 684 4.77 -19.82 32.16
N THR D 685 5.36 -19.05 33.07
CA THR D 685 4.81 -18.96 34.42
C THR D 685 3.39 -18.41 34.41
N VAL D 686 3.15 -17.37 33.60
CA VAL D 686 1.81 -16.79 33.52
C VAL D 686 0.82 -17.79 32.95
N PHE D 687 1.21 -18.51 31.89
CA PHE D 687 0.27 -19.38 31.18
C PHE D 687 0.11 -20.74 31.81
N CYS D 688 0.93 -21.11 32.80
CA CYS D 688 0.64 -22.32 33.57
C CYS D 688 -0.65 -22.18 34.36
N LEU D 689 -0.89 -21.00 34.93
CA LEU D 689 -2.04 -20.79 35.79
C LEU D 689 -3.35 -20.91 35.03
N VAL D 690 -3.38 -20.52 33.76
CA VAL D 690 -4.61 -20.64 32.98
C VAL D 690 -5.00 -22.11 32.83
N VAL D 691 -4.04 -22.95 32.50
CA VAL D 691 -4.32 -24.38 32.36
C VAL D 691 -4.75 -24.98 33.69
N ILE D 692 -4.07 -24.60 34.78
CA ILE D 692 -4.43 -25.15 36.09
C ILE D 692 -5.85 -24.76 36.47
N PHE D 693 -6.19 -23.49 36.28
CA PHE D 693 -7.53 -23.02 36.61
C PHE D 693 -8.59 -23.70 35.73
N ALA D 694 -8.29 -23.87 34.45
CA ALA D 694 -9.24 -24.54 33.56
C ALA D 694 -9.47 -25.99 33.97
N LEU D 695 -8.41 -26.71 34.29
CA LEU D 695 -8.56 -28.09 34.73
C LEU D 695 -9.27 -28.17 36.07
N CYS D 696 -9.15 -27.15 36.90
CA CYS D 696 -9.86 -27.14 38.18
C CYS D 696 -11.35 -26.89 38.01
N TRP D 697 -11.72 -25.96 37.13
CA TRP D 697 -13.11 -25.54 37.00
C TRP D 697 -13.89 -26.30 35.92
N PHE D 698 -13.23 -27.16 35.13
CA PHE D 698 -13.96 -27.91 34.12
C PHE D 698 -14.96 -28.91 34.70
N PRO D 699 -14.61 -29.76 35.66
CA PRO D 699 -15.55 -30.83 36.07
C PRO D 699 -16.89 -30.33 36.59
N LEU D 700 -16.92 -29.22 37.33
CA LEU D 700 -18.19 -28.73 37.87
C LEU D 700 -19.13 -28.31 36.75
N HIS D 701 -18.60 -27.57 35.77
CA HIS D 701 -19.43 -27.21 34.63
C HIS D 701 -19.87 -28.45 33.86
N LEU D 702 -19.02 -29.48 33.83
CA LEU D 702 -19.37 -30.71 33.12
C LEU D 702 -20.61 -31.36 33.74
N SER D 703 -20.68 -31.41 35.07
CA SER D 703 -21.85 -31.98 35.74
C SER D 703 -23.00 -31.00 35.84
N ARG D 704 -22.77 -29.73 35.58
CA ARG D 704 -23.84 -28.75 35.55
C ARG D 704 -24.57 -28.68 34.22
N ILE D 705 -23.91 -28.98 33.11
CA ILE D 705 -24.54 -28.89 31.80
C ILE D 705 -25.09 -30.22 31.30
N LEU D 706 -24.58 -31.36 31.79
CA LEU D 706 -25.16 -32.64 31.38
C LEU D 706 -26.42 -32.96 32.15
N LYS D 707 -26.68 -32.25 33.24
CA LYS D 707 -27.94 -32.35 33.95
C LYS D 707 -28.91 -31.25 33.55
N LYS D 708 -28.74 -30.66 32.37
CA LYS D 708 -29.67 -29.65 31.89
C LYS D 708 -30.35 -30.07 30.59
N THR D 709 -29.55 -30.45 29.59
CA THR D 709 -30.11 -30.76 28.28
C THR D 709 -30.41 -32.25 28.13
N VAL D 710 -29.52 -33.10 28.63
CA VAL D 710 -29.71 -34.54 28.58
C VAL D 710 -30.04 -35.03 29.98
N TYR D 711 -30.68 -34.16 30.77
CA TYR D 711 -30.93 -34.45 32.17
C TYR D 711 -31.81 -35.67 32.34
N ASN D 712 -31.65 -36.32 33.50
CA ASN D 712 -32.35 -37.58 33.79
C ASN D 712 -33.76 -37.26 34.28
N GLU D 713 -34.59 -36.78 33.35
CA GLU D 713 -35.98 -36.53 33.66
C GLU D 713 -36.72 -37.83 33.99
N MET D 714 -36.62 -38.82 33.10
CA MET D 714 -37.25 -40.11 33.34
C MET D 714 -36.37 -41.26 32.84
N ASP D 715 -35.08 -41.02 32.61
CA ASP D 715 -34.22 -42.04 32.04
C ASP D 715 -34.06 -43.21 32.99
N LYS D 716 -34.09 -44.43 32.43
CA LYS D 716 -33.99 -45.64 33.22
C LYS D 716 -32.61 -45.84 33.83
N ASN D 717 -31.61 -45.07 33.42
CA ASN D 717 -30.26 -45.18 33.95
C ASN D 717 -30.08 -44.46 35.28
N ARG D 718 -31.17 -44.12 35.96
CA ARG D 718 -31.08 -43.45 37.25
C ARG D 718 -30.44 -44.32 38.32
N CYS D 719 -30.44 -45.64 38.13
CA CYS D 719 -29.73 -46.53 39.06
C CYS D 719 -28.24 -46.28 39.03
N GLU D 720 -27.69 -46.02 37.84
CA GLU D 720 -26.26 -45.84 37.66
C GLU D 720 -25.87 -44.41 37.34
N LEU D 721 -26.52 -43.78 36.34
CA LEU D 721 -26.09 -42.47 35.90
C LEU D 721 -26.30 -41.40 36.97
N LEU D 722 -27.42 -41.46 37.69
CA LEU D 722 -27.73 -40.41 38.65
C LEU D 722 -26.70 -40.35 39.77
N SER D 723 -26.31 -41.52 40.31
CA SER D 723 -25.30 -41.54 41.37
C SER D 723 -23.97 -41.03 40.86
N PHE D 724 -23.59 -41.42 39.65
CA PHE D 724 -22.32 -40.97 39.10
C PHE D 724 -22.29 -39.45 38.93
N LEU D 725 -23.37 -38.88 38.40
CA LEU D 725 -23.44 -37.43 38.25
C LEU D 725 -23.43 -36.74 39.60
N LEU D 726 -24.14 -37.30 40.59
CA LEU D 726 -24.17 -36.72 41.92
C LEU D 726 -22.77 -36.67 42.53
N LEU D 727 -22.05 -37.79 42.45
CA LEU D 727 -20.69 -37.83 42.98
C LEU D 727 -19.77 -36.88 42.23
N MET D 728 -19.92 -36.81 40.90
CA MET D 728 -19.08 -35.93 40.11
C MET D 728 -19.28 -34.48 40.51
N ASP D 729 -20.53 -34.06 40.68
CA ASP D 729 -20.79 -32.67 41.09
C ASP D 729 -20.29 -32.41 42.51
N TYR D 730 -20.51 -33.37 43.41
CA TYR D 730 -20.16 -33.19 44.81
C TYR D 730 -18.66 -33.31 45.07
N ILE D 731 -17.88 -33.78 44.10
CA ILE D 731 -16.44 -33.62 44.15
C ILE D 731 -15.94 -32.44 43.31
N GLY D 732 -16.69 -32.04 42.29
CA GLY D 732 -16.33 -30.84 41.54
C GLY D 732 -16.41 -29.59 42.37
N ILE D 733 -17.34 -29.57 43.34
CA ILE D 733 -17.38 -28.46 44.29
C ILE D 733 -16.04 -28.31 45.00
N ASN D 734 -15.53 -29.42 45.55
CA ASN D 734 -14.26 -29.39 46.27
C ASN D 734 -13.10 -29.04 45.34
N LEU D 735 -13.11 -29.58 44.12
CA LEU D 735 -12.02 -29.28 43.19
C LEU D 735 -12.01 -27.81 42.80
N ALA D 736 -13.18 -27.21 42.60
CA ALA D 736 -13.25 -25.79 42.31
C ALA D 736 -12.78 -24.97 43.51
N THR D 737 -13.12 -25.41 44.72
CA THR D 737 -12.67 -24.69 45.91
C THR D 737 -11.16 -24.79 46.09
N MET D 738 -10.55 -25.89 45.65
CA MET D 738 -9.11 -26.07 45.80
C MET D 738 -8.30 -25.00 45.06
N ASN D 739 -8.91 -24.33 44.09
CA ASN D 739 -8.23 -23.33 43.28
C ASN D 739 -7.87 -22.07 44.07
N SER D 740 -8.41 -21.91 45.27
CA SER D 740 -8.11 -20.73 46.08
C SER D 740 -6.85 -20.90 46.92
N CYS D 741 -6.16 -22.03 46.82
CA CYS D 741 -4.93 -22.24 47.59
C CYS D 741 -3.81 -22.89 46.80
N ILE D 742 -4.01 -23.25 45.54
CA ILE D 742 -2.99 -23.99 44.80
C ILE D 742 -1.98 -23.03 44.14
N ASN D 743 -2.38 -21.80 43.87
CA ASN D 743 -1.49 -20.86 43.18
C ASN D 743 -0.13 -20.70 43.83
N PRO D 744 0.01 -20.60 45.16
CA PRO D 744 1.37 -20.58 45.73
C PRO D 744 2.20 -21.80 45.36
N ILE D 745 1.58 -22.98 45.34
CA ILE D 745 2.31 -24.20 45.00
C ILE D 745 2.78 -24.16 43.55
N ALA D 746 1.90 -23.79 42.63
CA ALA D 746 2.28 -23.74 41.22
C ALA D 746 3.37 -22.69 40.98
N LEU D 747 3.23 -21.51 41.60
CA LEU D 747 4.26 -20.49 41.45
C LEU D 747 5.59 -20.97 42.02
N TYR D 748 5.57 -21.65 43.17
CA TYR D 748 6.80 -22.13 43.78
C TYR D 748 7.48 -23.18 42.90
N PHE D 749 6.69 -24.06 42.29
CA PHE D 749 7.26 -25.14 41.49
C PHE D 749 7.58 -24.75 40.05
N VAL D 750 7.08 -23.63 39.55
CA VAL D 750 7.27 -23.29 38.14
C VAL D 750 8.01 -21.98 37.93
N SER D 751 7.87 -20.99 38.81
CA SER D 751 8.48 -19.69 38.55
C SER D 751 10.00 -19.71 38.63
N LYS D 752 10.55 -20.45 39.61
CA LYS D 752 12.00 -20.59 39.79
C LYS D 752 12.63 -19.25 40.20
N LYS D 753 11.81 -18.22 40.30
CA LYS D 753 12.21 -16.92 40.82
C LYS D 753 11.58 -16.64 42.18
N PHE D 754 10.26 -16.84 42.30
CA PHE D 754 9.61 -16.85 43.60
C PHE D 754 10.13 -18.01 44.45
N LYS D 755 10.68 -19.05 43.84
CA LYS D 755 11.23 -20.16 44.59
C LYS D 755 12.41 -19.72 45.45
N ASN D 756 13.27 -18.85 44.91
CA ASN D 756 14.40 -18.35 45.68
C ASN D 756 13.93 -17.52 46.87
N CYS D 757 12.91 -16.68 46.67
CA CYS D 757 12.36 -15.90 47.77
C CYS D 757 11.72 -16.78 48.83
N PHE D 758 11.00 -17.83 48.39
CA PHE D 758 10.38 -18.75 49.34
C PHE D 758 11.43 -19.50 50.14
N GLN D 759 12.52 -19.91 49.48
CA GLN D 759 13.59 -20.60 50.20
C GLN D 759 14.22 -19.70 51.26
N SER D 760 14.41 -18.43 50.94
CA SER D 760 14.99 -17.48 51.88
C SER D 760 13.93 -17.02 52.89
C1 A1D5J E . -18.11 -19.37 39.09
C10 A1D5J E . -19.56 -23.61 43.70
C11 A1D5J E . -18.31 -24.07 44.09
C12 A1D5J E . -17.94 -24.01 45.40
C13 A1D5J E . -18.79 -23.51 46.34
C14 A1D5J E . -20.04 -23.05 45.98
C15 A1D5J E . -22.22 -21.38 45.11
C16 A1D5J E . -21.79 -20.08 44.83
C17 A1D5J E . -22.13 -19.02 45.64
C18 A1D5J E . -22.92 -19.22 46.75
C19 A1D5J E . -23.37 -20.48 47.05
C2 A1D5J E . -19.18 -20.36 39.45
C20 A1D5J E . -23.02 -21.56 46.25
C21 A1D5J E . -22.70 -24.79 43.74
C22 A1D5J E . -21.46 -22.95 37.99
C3 A1D5J E . -19.77 -21.16 38.49
C4 A1D5J E . -20.75 -22.03 38.93
C5 A1D5J E . -20.48 -21.28 41.04
C6 A1D5J E . -21.91 -22.22 42.71
C7 A1D5J E . -23.26 -21.62 42.31
C8 A1D5J E . -21.85 -22.58 44.24
C9 A1D5J E . -20.46 -23.09 44.64
N1 A1D5J E . -21.10 -22.09 40.20
N2 A1D5J E . -19.53 -20.42 40.72
O1 A1D5J E . -20.83 -21.34 42.34
O2 A1D5J E . -24.30 -22.29 42.50
O3 A1D5J E . -23.28 -20.48 41.80
O4 A1D5J E . -22.81 -23.60 44.50
#